data_3R9P
#
_entry.id   3R9P
#
_cell.length_a   83.254
_cell.length_b   99.507
_cell.length_c   103.871
_cell.angle_alpha   90.00
_cell.angle_beta   90.00
_cell.angle_gamma   90.00
#
_symmetry.space_group_name_H-M   'P 21 21 21'
#
loop_
_entity.id
_entity.type
_entity.pdbx_description
1 polymer AckA
2 non-polymer GLYCEROL
3 non-polymer 1,2-ETHANEDIOL
4 non-polymer 'TRIETHYLENE GLYCOL'
5 water water
#
_entity_poly.entity_id   1
_entity_poly.type   'polypeptide(L)'
_entity_poly.pdbx_seq_one_letter_code
;GPGSMDGSDGARRVLVINSGSSSLKFQLVDPEFGVAASTGIVERIGEESSPVPDHDAALRRAFDMLAGDGVDLNTAGLVA
VGHRVVHGGNTFYRPTVLDDAVIARLHELSELAPLHNPPALQGIEVARRLLPDIAHVAVFDTGFFHDLPPAAATYAIDRE
LADRWQIRRYGFHGTSHRYVSEQAAAFLDRPLRGLKQIVLHLGNGCSASAIAGTRPLDTSMGLTPLEGLVMGTRSGDIDP
SIVSYLCHTAGMGVDDVESMLNHRSGVVGLSGVRDFRRLRELIESGDGAAQLAYSVFTHRLRKYIGAYLAVLGHTDVISF
TAGIGENDAAVRRDAVSGMEELGIVLDERRNLAGGKGARQISADDSPITVLVVPTNEELAIARDCVRVLGG
;
_entity_poly.pdbx_strand_id   A,B
#
# COMPACT_ATOMS: atom_id res chain seq x y z
N ARG A 12 12.40 17.99 -11.92
CA ARG A 12 11.42 18.41 -10.88
C ARG A 12 9.94 18.30 -11.28
N ARG A 13 9.60 18.56 -12.54
CA ARG A 13 8.20 18.56 -12.97
C ARG A 13 7.88 17.61 -14.14
N VAL A 14 6.65 17.10 -14.14
CA VAL A 14 6.17 16.22 -15.20
C VAL A 14 4.88 16.77 -15.80
N LEU A 15 4.86 16.90 -17.12
CA LEU A 15 3.64 17.26 -17.82
C LEU A 15 2.84 15.98 -18.06
N VAL A 16 1.69 15.85 -17.41
CA VAL A 16 0.83 14.70 -17.60
C VAL A 16 -0.30 15.06 -18.53
N ILE A 17 -0.45 14.29 -19.62
CA ILE A 17 -1.50 14.57 -20.58
C ILE A 17 -2.47 13.41 -20.83
N ASN A 18 -3.71 13.78 -21.12
CA ASN A 18 -4.72 12.86 -21.56
C ASN A 18 -5.30 13.38 -22.86
N SER A 19 -4.82 12.82 -23.97
CA SER A 19 -5.14 13.31 -25.29
C SER A 19 -6.31 12.54 -25.89
N GLY A 20 -7.48 13.18 -25.92
CA GLY A 20 -8.67 12.57 -26.51
C GLY A 20 -8.96 13.16 -27.88
N SER A 21 -10.04 12.72 -28.50
CA SER A 21 -10.44 13.22 -29.84
C SER A 21 -10.80 14.71 -29.87
N SER A 22 -11.48 15.20 -28.84
CA SER A 22 -12.01 16.57 -28.84
C SER A 22 -11.37 17.48 -27.82
N SER A 23 -10.66 16.90 -26.86
CA SER A 23 -10.03 17.70 -25.82
C SER A 23 -8.72 17.07 -25.39
N LEU A 24 -7.83 17.91 -24.88
CA LEU A 24 -6.57 17.47 -24.32
C LEU A 24 -6.45 18.05 -22.91
N LYS A 25 -6.50 17.17 -21.92
CA LYS A 25 -6.33 17.58 -20.54
C LYS A 25 -4.84 17.54 -20.21
N PHE A 26 -4.38 18.55 -19.50
CA PHE A 26 -2.99 18.56 -19.05
C PHE A 26 -2.89 18.98 -17.61
N GLN A 27 -1.77 18.60 -17.01
CA GLN A 27 -1.42 19.04 -15.69
C GLN A 27 0.09 19.03 -15.56
N LEU A 28 0.67 20.16 -15.14
CA LEU A 28 2.07 20.21 -14.82
C LEU A 28 2.24 19.92 -13.33
N VAL A 29 2.86 18.78 -13.03
CA VAL A 29 2.88 18.19 -11.70
C VAL A 29 4.25 18.26 -11.09
N ASP A 30 4.34 18.63 -9.80
CA ASP A 30 5.55 18.42 -9.04
C ASP A 30 5.39 17.16 -8.20
N PRO A 31 6.06 16.07 -8.58
CA PRO A 31 5.83 14.79 -7.87
C PRO A 31 6.44 14.72 -6.47
N GLU A 32 7.51 15.47 -6.20
CA GLU A 32 8.20 15.42 -4.89
C GLU A 32 7.53 16.25 -3.80
N PHE A 33 6.87 17.34 -4.18
CA PHE A 33 6.06 18.09 -3.23
C PHE A 33 4.58 17.77 -3.37
N GLY A 34 4.25 16.85 -4.27
CA GLY A 34 2.87 16.40 -4.48
C GLY A 34 1.91 17.53 -4.85
N VAL A 35 2.40 18.45 -5.68
CA VAL A 35 1.70 19.69 -6.01
C VAL A 35 1.53 19.79 -7.52
N ALA A 36 0.44 20.42 -7.94
CA ALA A 36 0.25 20.81 -9.33
C ALA A 36 0.72 22.24 -9.43
N ALA A 37 1.70 22.48 -10.30
CA ALA A 37 2.17 23.84 -10.57
C ALA A 37 1.15 24.55 -11.47
N SER A 38 0.46 23.79 -12.32
CA SER A 38 -0.50 24.37 -13.26
C SER A 38 -1.38 23.27 -13.85
N THR A 39 -2.65 23.60 -14.05
CA THR A 39 -3.63 22.65 -14.56
C THR A 39 -4.51 23.34 -15.58
N GLY A 40 -5.05 22.58 -16.51
CA GLY A 40 -5.95 23.14 -17.52
C GLY A 40 -6.37 22.16 -18.58
N ILE A 41 -7.14 22.67 -19.54
CA ILE A 41 -7.65 21.85 -20.64
C ILE A 41 -7.73 22.64 -21.96
N VAL A 42 -7.41 21.97 -23.06
CA VAL A 42 -7.68 22.47 -24.41
C VAL A 42 -8.90 21.73 -24.97
N GLU A 43 -9.90 22.48 -25.41
CA GLU A 43 -11.19 21.91 -25.80
C GLU A 43 -11.53 22.22 -27.27
N ARG A 44 -12.48 21.47 -27.80
CA ARG A 44 -13.06 21.72 -29.13
C ARG A 44 -12.06 21.50 -30.25
N ILE A 45 -11.27 20.44 -30.12
CA ILE A 45 -10.22 20.14 -31.10
C ILE A 45 -10.86 19.76 -32.44
N GLY A 46 -10.48 20.48 -33.49
CA GLY A 46 -10.97 20.21 -34.84
C GLY A 46 -12.25 20.93 -35.26
N GLU A 47 -12.81 21.76 -34.38
CA GLU A 47 -14.10 22.42 -34.66
C GLU A 47 -13.94 23.66 -35.55
N GLU A 48 -15.00 23.99 -36.28
CA GLU A 48 -15.00 25.03 -37.29
C GLU A 48 -14.52 26.39 -36.77
N SER A 49 -15.04 26.79 -35.61
CA SER A 49 -14.69 28.08 -35.02
C SER A 49 -13.45 28.01 -34.12
N SER A 50 -12.94 26.79 -33.90
CA SER A 50 -11.85 26.55 -32.96
C SER A 50 -10.51 26.93 -33.57
N PRO A 51 -9.67 27.63 -32.79
CA PRO A 51 -8.29 27.89 -33.19
C PRO A 51 -7.36 26.69 -32.96
N VAL A 52 -7.96 25.53 -32.67
CA VAL A 52 -7.22 24.29 -32.39
C VAL A 52 -7.75 23.20 -33.33
N PRO A 53 -7.23 23.17 -34.57
CA PRO A 53 -7.72 22.23 -35.58
C PRO A 53 -7.28 20.78 -35.37
N ASP A 54 -6.13 20.59 -34.72
CA ASP A 54 -5.58 19.24 -34.52
C ASP A 54 -4.77 19.14 -33.22
N HIS A 55 -4.18 17.97 -32.98
CA HIS A 55 -3.45 17.73 -31.74
C HIS A 55 -2.17 18.52 -31.63
N ASP A 56 -1.53 18.82 -32.76
CA ASP A 56 -0.36 19.71 -32.76
C ASP A 56 -0.72 21.09 -32.22
N ALA A 57 -1.79 21.67 -32.73
CA ALA A 57 -2.28 22.97 -32.25
C ALA A 57 -2.66 22.93 -30.75
N ALA A 58 -3.37 21.87 -30.37
CA ALA A 58 -3.82 21.64 -28.98
C ALA A 58 -2.67 21.68 -27.98
N LEU A 59 -1.61 20.92 -28.26
CA LEU A 59 -0.46 20.92 -27.36
C LEU A 59 0.24 22.28 -27.29
N ARG A 60 0.37 22.96 -28.43
CA ARG A 60 1.02 24.28 -28.44
C ARG A 60 0.24 25.32 -27.63
N ARG A 61 -1.09 25.21 -27.64
CA ARG A 61 -1.95 26.04 -26.80
C ARG A 61 -1.62 25.78 -25.31
N ALA A 62 -1.57 24.51 -24.93
CA ALA A 62 -1.24 24.13 -23.56
C ALA A 62 0.06 24.77 -23.09
N PHE A 63 1.06 24.84 -23.97
CA PHE A 63 2.33 25.50 -23.66
C PHE A 63 2.15 26.98 -23.33
N ASP A 64 1.27 27.65 -24.07
CA ASP A 64 1.09 29.10 -23.92
C ASP A 64 0.44 29.41 -22.57
N MET A 65 -0.62 28.66 -22.29
CA MET A 65 -1.27 28.64 -20.97
C MET A 65 -0.28 28.44 -19.82
N LEU A 66 0.60 27.47 -19.95
CA LEU A 66 1.59 27.22 -18.90
C LEU A 66 2.49 28.45 -18.69
N ALA A 67 2.99 29.00 -19.81
CA ALA A 67 3.73 30.26 -19.80
C ALA A 67 2.94 31.34 -19.07
N GLY A 68 1.64 31.39 -19.34
CA GLY A 68 0.76 32.40 -18.76
C GLY A 68 0.65 32.34 -17.25
N ASP A 69 0.76 31.13 -16.68
CA ASP A 69 0.71 30.94 -15.22
C ASP A 69 2.09 30.86 -14.59
N GLY A 70 3.10 31.43 -15.25
CA GLY A 70 4.41 31.58 -14.67
C GLY A 70 5.39 30.47 -15.02
N VAL A 71 4.88 29.42 -15.65
CA VAL A 71 5.70 28.29 -16.04
C VAL A 71 6.11 28.43 -17.50
N ASP A 72 7.34 28.87 -17.76
CA ASP A 72 7.89 28.69 -19.08
C ASP A 72 8.52 27.30 -19.11
N LEU A 73 8.09 26.47 -20.06
CA LEU A 73 8.61 25.10 -20.17
C LEU A 73 10.14 25.07 -20.25
N ASN A 74 10.75 26.18 -20.68
CA ASN A 74 12.20 26.31 -20.68
C ASN A 74 12.84 26.37 -19.30
N THR A 75 12.16 26.99 -18.34
CA THR A 75 12.69 27.09 -16.96
C THR A 75 11.85 26.30 -15.94
N ALA A 76 10.82 25.61 -16.39
CA ALA A 76 9.88 24.93 -15.49
C ALA A 76 10.45 23.65 -14.86
N GLY A 77 11.62 23.20 -15.31
CA GLY A 77 12.24 21.98 -14.81
C GLY A 77 11.51 20.73 -15.28
N LEU A 78 10.91 20.82 -16.46
CA LEU A 78 10.17 19.71 -17.06
C LEU A 78 11.15 18.59 -17.38
N VAL A 79 10.95 17.42 -16.76
CA VAL A 79 11.84 16.26 -16.94
C VAL A 79 11.19 15.06 -17.64
N ALA A 80 9.88 15.14 -17.90
CA ALA A 80 9.17 14.08 -18.61
C ALA A 80 7.77 14.51 -18.98
N VAL A 81 7.24 13.84 -19.99
CA VAL A 81 5.82 13.92 -20.31
C VAL A 81 5.21 12.54 -20.07
N GLY A 82 4.16 12.51 -19.27
CA GLY A 82 3.42 11.29 -19.02
C GLY A 82 2.19 11.27 -19.91
N HIS A 83 2.04 10.19 -20.69
CA HIS A 83 0.93 10.05 -21.62
C HIS A 83 -0.01 8.96 -21.13
N ARG A 84 -1.29 9.32 -20.94
CA ARG A 84 -2.29 8.34 -20.56
C ARG A 84 -2.82 7.56 -21.75
N VAL A 85 -2.70 6.25 -21.67
CA VAL A 85 -3.22 5.35 -22.67
C VAL A 85 -4.19 4.41 -21.99
N VAL A 86 -5.41 4.33 -22.51
CA VAL A 86 -6.46 3.54 -21.87
C VAL A 86 -6.10 2.07 -21.81
N HIS A 87 -5.69 1.51 -22.94
CA HIS A 87 -5.57 0.07 -23.10
C HIS A 87 -4.17 -0.37 -23.52
N GLY A 88 -3.54 -1.18 -22.68
CA GLY A 88 -2.22 -1.75 -22.96
C GLY A 88 -2.30 -3.22 -23.36
N GLY A 89 -3.51 -3.75 -23.46
CA GLY A 89 -3.69 -5.16 -23.76
C GLY A 89 -2.91 -6.04 -22.80
N ASN A 90 -2.42 -7.16 -23.32
CA ASN A 90 -1.52 -8.03 -22.57
C ASN A 90 -0.06 -7.65 -22.78
N THR A 91 0.19 -6.63 -23.58
CA THR A 91 1.55 -6.32 -24.00
C THR A 91 2.21 -5.28 -23.09
N PHE A 92 1.47 -4.24 -22.74
CA PHE A 92 2.06 -3.13 -21.99
C PHE A 92 1.28 -2.94 -20.71
N TYR A 93 1.95 -3.12 -19.58
CA TYR A 93 1.30 -2.98 -18.27
C TYR A 93 2.18 -2.34 -17.21
N ARG A 94 3.37 -1.90 -17.56
CA ARG A 94 4.16 -1.06 -16.66
C ARG A 94 4.36 0.27 -17.35
N PRO A 95 4.71 1.33 -16.61
CA PRO A 95 5.05 2.59 -17.26
C PRO A 95 6.14 2.30 -18.27
N THR A 96 5.98 2.76 -19.51
CA THR A 96 6.84 2.36 -20.60
C THR A 96 7.44 3.58 -21.26
N VAL A 97 8.77 3.60 -21.35
CA VAL A 97 9.47 4.70 -22.01
C VAL A 97 9.24 4.56 -23.48
N LEU A 98 8.74 5.63 -24.10
CA LEU A 98 8.31 5.59 -25.48
C LEU A 98 9.46 5.80 -26.45
N ASP A 99 9.43 5.00 -27.50
CA ASP A 99 10.24 5.23 -28.70
C ASP A 99 9.41 4.78 -29.91
N ASP A 100 9.97 4.88 -31.10
CA ASP A 100 9.21 4.59 -32.30
C ASP A 100 8.78 3.12 -32.41
N ALA A 101 9.63 2.21 -31.95
CA ALA A 101 9.32 0.79 -31.91
C ALA A 101 8.15 0.50 -30.97
N VAL A 102 8.19 1.07 -29.78
CA VAL A 102 7.06 0.91 -28.84
C VAL A 102 5.76 1.41 -29.50
N ILE A 103 5.83 2.57 -30.12
CA ILE A 103 4.66 3.18 -30.76
C ILE A 103 4.09 2.26 -31.86
N ALA A 104 4.97 1.66 -32.64
CA ALA A 104 4.54 0.70 -33.67
C ALA A 104 3.75 -0.47 -33.08
N ARG A 105 4.25 -1.05 -32.00
CA ARG A 105 3.59 -2.15 -31.32
C ARG A 105 2.24 -1.72 -30.75
N LEU A 106 2.20 -0.50 -30.24
CA LEU A 106 0.98 0.05 -29.66
C LEU A 106 -0.19 0.15 -30.63
N HIS A 107 0.09 0.64 -31.85
CA HIS A 107 -0.93 0.72 -32.92
C HIS A 107 -1.72 -0.56 -33.13
N GLU A 108 -1.07 -1.70 -32.92
CA GLU A 108 -1.70 -2.98 -33.16
C GLU A 108 -2.72 -3.34 -32.07
N LEU A 109 -2.80 -2.55 -31.00
CA LEU A 109 -3.73 -2.81 -29.90
C LEU A 109 -5.06 -2.07 -30.04
N SER A 110 -5.18 -1.21 -31.05
CA SER A 110 -6.32 -0.29 -31.13
C SER A 110 -7.71 -0.96 -31.23
N GLU A 111 -7.78 -2.18 -31.77
CA GLU A 111 -9.07 -2.92 -31.80
C GLU A 111 -9.64 -3.18 -30.39
N LEU A 112 -8.80 -3.08 -29.35
CA LEU A 112 -9.26 -3.21 -27.97
C LEU A 112 -9.84 -1.91 -27.39
N ALA A 113 -9.45 -0.77 -27.95
CA ALA A 113 -9.98 0.54 -27.54
C ALA A 113 -9.98 1.51 -28.72
N PRO A 114 -10.82 1.22 -29.74
CA PRO A 114 -10.78 1.96 -31.00
C PRO A 114 -11.03 3.47 -30.89
N LEU A 115 -11.79 3.89 -29.87
CA LEU A 115 -12.11 5.30 -29.67
C LEU A 115 -11.08 6.11 -28.85
N HIS A 116 -10.37 5.45 -27.92
CA HIS A 116 -9.50 6.19 -26.99
C HIS A 116 -7.99 6.06 -27.27
N ASN A 117 -7.55 4.90 -27.72
CA ASN A 117 -6.12 4.70 -27.95
C ASN A 117 -5.58 5.56 -29.09
N PRO A 118 -6.27 5.60 -30.26
CA PRO A 118 -5.73 6.41 -31.37
C PRO A 118 -5.45 7.90 -31.05
N PRO A 119 -6.37 8.62 -30.37
CA PRO A 119 -6.04 10.00 -30.02
C PRO A 119 -4.89 10.15 -28.99
N ALA A 120 -4.71 9.16 -28.12
CA ALA A 120 -3.57 9.13 -27.20
C ALA A 120 -2.27 9.03 -27.99
N LEU A 121 -2.24 8.15 -28.98
CA LEU A 121 -1.06 7.98 -29.85
C LEU A 121 -0.78 9.24 -30.69
N GLN A 122 -1.84 9.97 -31.08
CA GLN A 122 -1.65 11.28 -31.72
C GLN A 122 -1.00 12.25 -30.77
N GLY A 123 -1.42 12.26 -29.51
CA GLY A 123 -0.79 13.14 -28.53
C GLY A 123 0.68 12.79 -28.31
N ILE A 124 0.97 11.49 -28.29
CA ILE A 124 2.34 11.02 -28.21
C ILE A 124 3.21 11.56 -29.38
N GLU A 125 2.74 11.42 -30.61
CA GLU A 125 3.51 11.86 -31.78
C GLU A 125 3.86 13.34 -31.71
N VAL A 126 2.86 14.15 -31.39
CA VAL A 126 3.04 15.58 -31.34
C VAL A 126 3.99 15.96 -30.23
N ALA A 127 3.78 15.39 -29.04
CA ALA A 127 4.60 15.75 -27.90
C ALA A 127 6.07 15.36 -28.09
N ARG A 128 6.32 14.18 -28.67
CA ARG A 128 7.71 13.75 -28.91
C ARG A 128 8.40 14.67 -29.93
N ARG A 129 7.64 15.17 -30.89
CA ARG A 129 8.19 16.09 -31.89
C ARG A 129 8.42 17.48 -31.32
N LEU A 130 7.49 17.98 -30.49
CA LEU A 130 7.59 19.33 -29.93
C LEU A 130 8.45 19.41 -28.69
N LEU A 131 8.58 18.30 -27.97
CA LEU A 131 9.42 18.23 -26.78
C LEU A 131 10.42 17.07 -26.87
N PRO A 132 11.39 17.18 -27.79
CA PRO A 132 12.27 16.04 -28.03
C PRO A 132 13.39 15.84 -27.00
N ASP A 133 13.61 16.80 -26.10
CA ASP A 133 14.73 16.68 -25.18
C ASP A 133 14.36 16.15 -23.80
N ILE A 134 13.10 15.73 -23.66
CA ILE A 134 12.65 15.06 -22.45
C ILE A 134 12.09 13.66 -22.81
N ALA A 135 12.16 12.74 -21.86
CA ALA A 135 11.55 11.42 -22.04
C ALA A 135 10.02 11.49 -22.05
N HIS A 136 9.41 10.61 -22.82
CA HIS A 136 7.97 10.47 -22.89
C HIS A 136 7.62 9.06 -22.42
N VAL A 137 6.74 8.98 -21.44
CA VAL A 137 6.38 7.73 -20.81
C VAL A 137 4.88 7.51 -20.94
N ALA A 138 4.50 6.31 -21.36
CA ALA A 138 3.09 5.87 -21.39
C ALA A 138 2.73 5.13 -20.11
N VAL A 139 1.56 5.46 -19.54
CA VAL A 139 0.99 4.72 -18.41
C VAL A 139 -0.37 4.20 -18.85
N PHE A 140 -0.59 2.91 -18.65
CA PHE A 140 -1.74 2.21 -19.19
C PHE A 140 -2.80 1.97 -18.13
N ASP A 141 -4.04 2.37 -18.41
CA ASP A 141 -5.10 2.26 -17.41
C ASP A 141 -5.47 0.81 -17.09
N THR A 142 -5.05 -0.12 -17.95
CA THR A 142 -5.23 -1.57 -17.73
C THR A 142 -4.09 -2.21 -16.94
N GLY A 143 -2.99 -1.49 -16.80
CA GLY A 143 -1.76 -2.13 -16.30
C GLY A 143 -1.81 -2.79 -14.93
N PHE A 144 -2.41 -2.10 -13.96
CA PHE A 144 -2.53 -2.61 -12.60
C PHE A 144 -3.13 -4.01 -12.57
N PHE A 145 -4.05 -4.29 -13.48
CA PHE A 145 -4.81 -5.55 -13.45
C PHE A 145 -4.22 -6.65 -14.33
N HIS A 146 -3.05 -6.42 -14.92
CA HIS A 146 -2.47 -7.40 -15.80
C HIS A 146 -2.33 -8.77 -15.15
N ASP A 147 -1.96 -8.77 -13.87
CA ASP A 147 -1.68 -10.01 -13.11
C ASP A 147 -2.86 -10.49 -12.23
N LEU A 148 -4.08 -10.11 -12.61
CA LEU A 148 -5.27 -10.70 -12.01
C LEU A 148 -5.15 -12.22 -12.00
N PRO A 149 -5.64 -12.86 -10.93
CA PRO A 149 -5.61 -14.32 -10.94
C PRO A 149 -6.38 -14.88 -12.13
N PRO A 150 -5.98 -16.04 -12.66
CA PRO A 150 -6.66 -16.63 -13.83
C PRO A 150 -8.19 -16.81 -13.65
N ALA A 151 -8.63 -17.15 -12.44
CA ALA A 151 -10.07 -17.32 -12.17
C ALA A 151 -10.86 -16.04 -12.35
N ALA A 152 -10.21 -14.89 -12.16
CA ALA A 152 -10.85 -13.59 -12.37
C ALA A 152 -10.62 -13.02 -13.76
N ALA A 153 -9.45 -13.30 -14.34
CA ALA A 153 -9.08 -12.76 -15.65
C ALA A 153 -9.76 -13.46 -16.82
N THR A 154 -10.13 -14.72 -16.61
CA THR A 154 -10.59 -15.58 -17.70
C THR A 154 -12.10 -15.61 -17.76
N TYR A 155 -12.67 -15.23 -18.89
CA TYR A 155 -14.12 -15.44 -19.11
C TYR A 155 -14.38 -16.92 -19.45
N ALA A 156 -15.57 -17.39 -19.11
CA ALA A 156 -15.93 -18.78 -19.38
C ALA A 156 -16.48 -18.89 -20.79
N ILE A 157 -15.59 -18.76 -21.78
CA ILE A 157 -15.96 -18.93 -23.18
C ILE A 157 -15.00 -19.91 -23.86
N ASP A 158 -15.25 -20.19 -25.14
CA ASP A 158 -14.38 -21.04 -25.94
C ASP A 158 -12.92 -20.62 -25.78
N ARG A 159 -12.11 -21.51 -25.23
CA ARG A 159 -10.73 -21.16 -24.83
C ARG A 159 -9.82 -20.85 -26.03
N GLU A 160 -9.98 -21.59 -27.12
CA GLU A 160 -9.11 -21.41 -28.29
C GLU A 160 -9.41 -20.04 -28.91
N LEU A 161 -10.69 -19.69 -28.97
CA LEU A 161 -11.15 -18.40 -29.46
C LEU A 161 -10.64 -17.26 -28.58
N ALA A 162 -10.76 -17.43 -27.25
CA ALA A 162 -10.29 -16.43 -26.30
C ALA A 162 -8.79 -16.16 -26.44
N ASP A 163 -8.01 -17.23 -26.58
CA ASP A 163 -6.57 -17.09 -26.72
C ASP A 163 -6.18 -16.41 -28.06
N ARG A 164 -6.85 -16.79 -29.14
CA ARG A 164 -6.56 -16.23 -30.47
C ARG A 164 -6.76 -14.72 -30.55
N TRP A 165 -7.82 -14.23 -29.93
CA TRP A 165 -8.14 -12.80 -29.98
C TRP A 165 -7.87 -12.08 -28.66
N GLN A 166 -7.15 -12.74 -27.76
CA GLN A 166 -6.68 -12.11 -26.53
C GLN A 166 -7.85 -11.52 -25.71
N ILE A 167 -8.88 -12.35 -25.57
CA ILE A 167 -10.06 -11.99 -24.79
C ILE A 167 -9.83 -12.37 -23.32
N ARG A 168 -9.89 -11.37 -22.44
CA ARG A 168 -9.81 -11.58 -21.00
C ARG A 168 -10.42 -10.37 -20.31
N ARG A 169 -10.63 -10.47 -19.00
CA ARG A 169 -11.01 -9.30 -18.22
C ARG A 169 -9.73 -8.48 -18.08
N TYR A 170 -9.70 -7.29 -18.69
CA TYR A 170 -8.54 -6.41 -18.59
C TYR A 170 -8.61 -5.55 -17.35
N GLY A 171 -9.75 -4.90 -17.15
CA GLY A 171 -9.91 -3.94 -16.04
C GLY A 171 -9.39 -2.55 -16.39
N PHE A 172 -9.97 -1.53 -15.78
CA PHE A 172 -9.58 -0.14 -16.05
C PHE A 172 -9.62 0.66 -14.75
N HIS A 173 -9.37 1.97 -14.86
CA HIS A 173 -9.06 2.82 -13.72
C HIS A 173 -7.92 2.26 -12.90
N GLY A 174 -6.99 1.56 -13.54
CA GLY A 174 -5.93 0.90 -12.80
C GLY A 174 -5.06 1.87 -12.02
N THR A 175 -4.75 3.02 -12.61
CA THR A 175 -3.94 4.03 -11.89
C THR A 175 -4.61 4.48 -10.60
N SER A 176 -5.92 4.72 -10.67
CA SER A 176 -6.68 5.15 -9.49
C SER A 176 -6.81 4.04 -8.43
N HIS A 177 -7.20 2.85 -8.84
CA HIS A 177 -7.29 1.75 -7.87
C HIS A 177 -5.98 1.53 -7.13
N ARG A 178 -4.86 1.51 -7.86
CA ARG A 178 -3.58 1.26 -7.21
C ARG A 178 -3.21 2.39 -6.25
N TYR A 179 -3.29 3.62 -6.74
CA TYR A 179 -2.95 4.79 -5.92
C TYR A 179 -3.80 4.89 -4.66
N VAL A 180 -5.11 4.69 -4.79
CA VAL A 180 -5.99 4.75 -3.62
C VAL A 180 -5.66 3.64 -2.62
N SER A 181 -5.38 2.42 -3.13
CA SER A 181 -4.99 1.30 -2.26
C SER A 181 -3.75 1.65 -1.44
N GLU A 182 -2.80 2.35 -2.07
CA GLU A 182 -1.57 2.81 -1.42
C GLU A 182 -1.87 3.89 -0.38
N GLN A 183 -2.75 4.82 -0.73
CA GLN A 183 -3.11 5.91 0.18
C GLN A 183 -3.96 5.44 1.34
N ALA A 184 -4.77 4.41 1.12
CA ALA A 184 -5.57 3.82 2.20
C ALA A 184 -4.65 3.18 3.24
N ALA A 185 -3.68 2.41 2.77
CA ALA A 185 -2.68 1.81 3.65
C ALA A 185 -1.92 2.87 4.43
N ALA A 186 -1.57 3.98 3.78
CA ALA A 186 -0.87 5.09 4.41
C ALA A 186 -1.72 5.75 5.49
N PHE A 187 -3.00 5.96 5.19
CA PHE A 187 -3.94 6.49 6.16
C PHE A 187 -4.08 5.62 7.41
N LEU A 188 -4.04 4.30 7.21
CA LEU A 188 -4.18 3.35 8.31
C LEU A 188 -2.85 3.05 9.06
N ASP A 189 -1.74 3.65 8.63
CA ASP A 189 -0.41 3.37 9.20
C ASP A 189 -0.10 1.87 9.17
N ARG A 190 -0.46 1.22 8.07
CA ARG A 190 -0.27 -0.21 7.91
C ARG A 190 0.38 -0.51 6.57
N PRO A 191 1.25 -1.53 6.53
CA PRO A 191 1.86 -1.87 5.26
C PRO A 191 0.83 -2.36 4.28
N LEU A 192 0.93 -1.90 3.04
CA LEU A 192 0.03 -2.30 1.97
C LEU A 192 -0.03 -3.83 1.81
N ARG A 193 1.13 -4.48 1.87
CA ARG A 193 1.21 -5.94 1.68
CA ARG A 193 1.16 -5.93 1.63
C ARG A 193 0.31 -6.71 2.63
N GLY A 194 0.12 -6.18 3.83
CA GLY A 194 -0.72 -6.84 4.86
C GLY A 194 -2.21 -6.46 4.86
N LEU A 195 -2.69 -5.79 3.81
CA LEU A 195 -4.05 -5.27 3.76
C LEU A 195 -4.89 -5.90 2.67
N LYS A 196 -6.13 -6.24 3.01
CA LYS A 196 -7.12 -6.64 2.02
C LYS A 196 -8.19 -5.53 1.97
N GLN A 197 -8.45 -5.04 0.75
CA GLN A 197 -9.31 -3.88 0.58
C GLN A 197 -10.14 -3.84 -0.68
N ILE A 198 -11.20 -3.04 -0.61
CA ILE A 198 -12.06 -2.75 -1.74
C ILE A 198 -11.94 -1.26 -2.05
N VAL A 199 -11.80 -0.93 -3.33
CA VAL A 199 -11.78 0.46 -3.79
C VAL A 199 -12.94 0.68 -4.74
N LEU A 200 -13.68 1.75 -4.49
CA LEU A 200 -14.85 2.10 -5.29
C LEU A 200 -14.59 3.45 -5.96
N HIS A 201 -14.23 3.38 -7.25
CA HIS A 201 -13.96 4.55 -8.07
C HIS A 201 -15.27 4.96 -8.74
N LEU A 202 -15.94 5.95 -8.17
CA LEU A 202 -17.23 6.42 -8.67
C LEU A 202 -17.09 7.84 -9.24
N GLY A 203 -16.95 7.89 -10.57
CA GLY A 203 -16.87 9.15 -11.30
C GLY A 203 -17.68 8.98 -12.56
N ASN A 204 -17.21 9.61 -13.65
CA ASN A 204 -17.91 9.51 -14.93
CA ASN A 204 -17.85 9.51 -14.97
C ASN A 204 -18.03 8.04 -15.33
N GLY A 205 -16.95 7.29 -15.20
CA GLY A 205 -16.98 5.84 -15.26
C GLY A 205 -16.93 5.37 -13.82
N CYS A 206 -17.46 4.18 -13.56
CA CYS A 206 -17.50 3.64 -12.20
C CYS A 206 -16.95 2.23 -12.25
N SER A 207 -16.05 1.92 -11.33
CA SER A 207 -15.51 0.58 -11.23
C SER A 207 -15.14 0.30 -9.78
N ALA A 208 -15.13 -1.00 -9.44
CA ALA A 208 -14.77 -1.45 -8.14
C ALA A 208 -13.60 -2.41 -8.27
N SER A 209 -12.79 -2.51 -7.23
CA SER A 209 -11.74 -3.53 -7.18
C SER A 209 -11.66 -4.18 -5.81
N ALA A 210 -11.11 -5.39 -5.83
CA ALA A 210 -10.76 -6.19 -4.66
C ALA A 210 -9.27 -6.46 -4.74
N ILE A 211 -8.53 -6.07 -3.71
CA ILE A 211 -7.07 -6.05 -3.74
C ILE A 211 -6.52 -6.73 -2.50
N ALA A 212 -5.58 -7.66 -2.68
CA ALA A 212 -4.93 -8.34 -1.57
C ALA A 212 -3.47 -7.90 -1.62
N GLY A 213 -3.09 -7.01 -0.72
CA GLY A 213 -1.75 -6.45 -0.71
C GLY A 213 -1.50 -5.59 -1.93
N THR A 214 -0.49 -5.97 -2.72
CA THR A 214 -0.16 -5.27 -3.94
C THR A 214 -0.83 -5.93 -5.14
N ARG A 215 -1.59 -7.01 -4.93
CA ARG A 215 -2.15 -7.75 -6.05
C ARG A 215 -3.69 -7.62 -6.09
N PRO A 216 -4.24 -7.09 -7.20
CA PRO A 216 -5.68 -7.11 -7.37
C PRO A 216 -6.19 -8.52 -7.61
N LEU A 217 -7.28 -8.87 -6.94
CA LEU A 217 -7.93 -10.18 -7.13
C LEU A 217 -9.11 -10.15 -8.10
N ASP A 218 -9.76 -9.00 -8.24
CA ASP A 218 -10.87 -8.86 -9.18
C ASP A 218 -11.15 -7.40 -9.41
N THR A 219 -11.82 -7.09 -10.51
CA THR A 219 -12.26 -5.73 -10.77
C THR A 219 -13.47 -5.75 -11.68
N SER A 220 -14.28 -4.70 -11.64
CA SER A 220 -15.62 -4.77 -12.23
C SER A 220 -15.66 -4.54 -13.73
N MET A 221 -14.78 -3.69 -14.26
CA MET A 221 -14.69 -3.53 -15.71
C MET A 221 -14.00 -4.73 -16.33
N GLY A 222 -14.14 -4.88 -17.65
CA GLY A 222 -13.87 -6.17 -18.27
C GLY A 222 -12.91 -6.11 -19.43
N LEU A 223 -13.27 -6.77 -20.52
CA LEU A 223 -12.61 -6.61 -21.81
C LEU A 223 -12.51 -5.15 -22.19
N THR A 224 -13.58 -4.41 -21.91
CA THR A 224 -13.69 -2.98 -22.13
C THR A 224 -14.25 -2.30 -20.87
N PRO A 225 -14.29 -0.95 -20.86
CA PRO A 225 -14.84 -0.24 -19.72
C PRO A 225 -16.37 -0.32 -19.57
N LEU A 226 -17.06 -1.11 -20.38
CA LEU A 226 -18.53 -1.19 -20.29
C LEU A 226 -19.03 -2.00 -19.09
N GLU A 227 -18.29 -3.06 -18.76
CA GLU A 227 -18.75 -4.05 -17.78
C GLU A 227 -18.76 -3.50 -16.37
N GLY A 228 -19.68 -4.05 -15.56
CA GLY A 228 -19.68 -3.84 -14.10
C GLY A 228 -20.76 -2.93 -13.56
N LEU A 229 -20.30 -1.85 -12.93
CA LEU A 229 -21.18 -0.90 -12.28
C LEU A 229 -22.02 -0.11 -13.29
N VAL A 230 -23.18 0.37 -12.85
CA VAL A 230 -23.93 1.38 -13.59
C VAL A 230 -23.09 2.67 -13.59
N MET A 231 -23.04 3.35 -14.73
CA MET A 231 -22.25 4.58 -14.86
C MET A 231 -23.09 5.72 -15.45
N GLY A 232 -22.44 6.83 -15.77
CA GLY A 232 -23.16 7.99 -16.34
C GLY A 232 -23.92 7.68 -17.62
N THR A 233 -23.25 7.00 -18.53
CA THR A 233 -23.83 6.69 -19.84
C THR A 233 -23.66 5.22 -20.25
N ARG A 234 -23.01 4.42 -19.40
CA ARG A 234 -22.72 3.01 -19.67
C ARG A 234 -23.61 2.10 -18.84
N SER A 235 -24.10 1.03 -19.45
CA SER A 235 -25.01 0.10 -18.80
C SER A 235 -24.38 -0.67 -17.65
N GLY A 236 -23.10 -1.00 -17.76
CA GLY A 236 -22.52 -2.00 -16.86
C GLY A 236 -23.09 -3.37 -17.22
N ASP A 237 -23.11 -4.26 -16.24
CA ASP A 237 -23.56 -5.64 -16.43
C ASP A 237 -24.91 -5.73 -17.11
N ILE A 238 -24.96 -6.54 -18.15
CA ILE A 238 -26.23 -6.90 -18.79
C ILE A 238 -26.03 -8.22 -19.53
N ASP A 239 -27.09 -9.01 -19.60
CA ASP A 239 -27.10 -10.23 -20.41
C ASP A 239 -26.55 -9.92 -21.78
N PRO A 240 -25.50 -10.63 -22.20
CA PRO A 240 -24.98 -10.39 -23.54
C PRO A 240 -25.98 -10.68 -24.66
N SER A 241 -27.03 -11.44 -24.38
CA SER A 241 -28.13 -11.67 -25.32
C SER A 241 -28.83 -10.39 -25.76
N ILE A 242 -28.62 -9.29 -25.04
CA ILE A 242 -29.18 -8.01 -25.42
C ILE A 242 -28.84 -7.66 -26.88
N VAL A 243 -27.63 -8.03 -27.31
CA VAL A 243 -27.18 -7.69 -28.66
C VAL A 243 -27.97 -8.46 -29.71
N SER A 244 -27.95 -9.79 -29.63
CA SER A 244 -28.71 -10.64 -30.54
CA SER A 244 -28.70 -10.63 -30.55
C SER A 244 -30.20 -10.29 -30.51
N TYR A 245 -30.73 -10.06 -29.31
CA TYR A 245 -32.15 -9.74 -29.17
C TYR A 245 -32.54 -8.43 -29.87
N LEU A 246 -31.77 -7.37 -29.65
CA LEU A 246 -32.04 -6.09 -30.29
C LEU A 246 -31.80 -6.12 -31.81
N CYS A 247 -30.79 -6.88 -32.24
CA CYS A 247 -30.51 -7.02 -33.67
C CYS A 247 -31.65 -7.79 -34.36
N HIS A 248 -32.21 -8.76 -33.66
CA HIS A 248 -33.31 -9.57 -34.19
C HIS A 248 -34.66 -8.88 -34.20
N THR A 249 -35.04 -8.27 -33.09
CA THR A 249 -36.38 -7.69 -32.96
C THR A 249 -36.42 -6.27 -33.50
N ALA A 250 -35.51 -5.41 -33.01
CA ALA A 250 -35.46 -4.00 -33.43
C ALA A 250 -34.70 -3.76 -34.73
N GLY A 251 -34.02 -4.78 -35.24
CA GLY A 251 -33.26 -4.63 -36.50
C GLY A 251 -31.98 -3.81 -36.39
N MET A 252 -31.51 -3.54 -35.16
CA MET A 252 -30.29 -2.74 -34.95
C MET A 252 -29.04 -3.50 -35.42
N GLY A 253 -28.02 -2.77 -35.85
CA GLY A 253 -26.71 -3.37 -36.10
C GLY A 253 -25.98 -3.55 -34.77
N VAL A 254 -25.00 -4.44 -34.76
CA VAL A 254 -24.18 -4.67 -33.56
C VAL A 254 -23.59 -3.36 -33.05
N ASP A 255 -23.01 -2.57 -33.95
CA ASP A 255 -22.30 -1.35 -33.55
C ASP A 255 -23.24 -0.31 -32.96
N ASP A 256 -24.50 -0.29 -33.41
CA ASP A 256 -25.50 0.60 -32.84
CA ASP A 256 -25.51 0.60 -32.85
C ASP A 256 -25.90 0.16 -31.43
N VAL A 257 -26.00 -1.15 -31.21
CA VAL A 257 -26.27 -1.65 -29.86
C VAL A 257 -25.11 -1.32 -28.94
N GLU A 258 -23.88 -1.60 -29.37
CA GLU A 258 -22.68 -1.25 -28.57
C GLU A 258 -22.66 0.25 -28.25
N SER A 259 -22.96 1.09 -29.23
CA SER A 259 -23.01 2.53 -29.00
C SER A 259 -24.09 2.92 -27.98
N MET A 260 -25.25 2.30 -28.08
CA MET A 260 -26.35 2.55 -27.15
C MET A 260 -25.90 2.18 -25.71
N LEU A 261 -25.23 1.04 -25.57
CA LEU A 261 -24.79 0.56 -24.26
C LEU A 261 -23.69 1.44 -23.64
N ASN A 262 -22.85 2.05 -24.48
CA ASN A 262 -21.79 2.96 -24.02
C ASN A 262 -22.21 4.42 -23.84
N HIS A 263 -23.15 4.90 -24.66
CA HIS A 263 -23.45 6.34 -24.71
C HIS A 263 -24.88 6.73 -24.35
N ARG A 264 -25.83 5.80 -24.48
CA ARG A 264 -27.25 6.08 -24.21
C ARG A 264 -27.83 5.17 -23.12
N SER A 265 -26.99 4.77 -22.19
CA SER A 265 -27.37 3.87 -21.11
C SER A 265 -27.00 4.44 -19.75
N GLY A 266 -26.91 3.60 -18.72
CA GLY A 266 -26.60 4.07 -17.38
C GLY A 266 -27.61 5.06 -16.85
N VAL A 267 -27.12 6.02 -16.06
CA VAL A 267 -27.99 7.01 -15.45
C VAL A 267 -28.76 7.82 -16.50
N VAL A 268 -28.06 8.26 -17.55
CA VAL A 268 -28.70 9.06 -18.61
C VAL A 268 -29.76 8.24 -19.38
N GLY A 269 -29.45 6.98 -19.66
CA GLY A 269 -30.41 6.09 -20.30
C GLY A 269 -31.70 5.95 -19.51
N LEU A 270 -31.57 5.90 -18.18
CA LEU A 270 -32.74 5.67 -17.32
C LEU A 270 -33.48 6.96 -16.90
N SER A 271 -32.76 8.08 -16.81
CA SER A 271 -33.33 9.33 -16.28
C SER A 271 -33.22 10.55 -17.19
N GLY A 272 -32.36 10.49 -18.22
CA GLY A 272 -32.05 11.64 -19.06
C GLY A 272 -31.08 12.64 -18.43
N VAL A 273 -30.55 12.31 -17.26
CA VAL A 273 -29.72 13.23 -16.48
C VAL A 273 -28.23 12.90 -16.63
N ARG A 274 -27.40 13.95 -16.70
CA ARG A 274 -25.95 13.80 -16.60
C ARG A 274 -25.41 14.54 -15.38
N ASP A 275 -25.32 13.85 -14.23
CA ASP A 275 -24.76 14.40 -12.99
C ASP A 275 -25.04 13.41 -11.85
N PHE A 276 -25.70 13.85 -10.77
CA PHE A 276 -25.84 13.13 -9.50
C PHE A 276 -26.21 14.22 -8.51
N ARG A 277 -25.52 15.33 -8.76
CA ARG A 277 -25.88 16.63 -8.26
C ARG A 277 -27.28 16.94 -8.78
N ARG A 278 -27.48 16.82 -10.10
CA ARG A 278 -28.83 17.04 -10.66
C ARG A 278 -29.82 15.95 -10.21
N LEU A 279 -29.34 14.72 -10.16
CA LEU A 279 -30.15 13.58 -9.73
C LEU A 279 -30.78 13.85 -8.35
N ARG A 280 -29.97 14.37 -7.42
CA ARG A 280 -30.40 14.61 -6.04
CA ARG A 280 -30.43 14.60 -6.05
C ARG A 280 -31.63 15.53 -5.98
N GLU A 281 -31.57 16.65 -6.68
CA GLU A 281 -32.68 17.61 -6.64
C GLU A 281 -33.92 17.09 -7.38
N LEU A 282 -33.73 16.36 -8.48
CA LEU A 282 -34.86 15.70 -9.17
C LEU A 282 -35.55 14.71 -8.24
N ILE A 283 -34.76 13.92 -7.53
CA ILE A 283 -35.27 12.96 -6.55
C ILE A 283 -36.06 13.67 -5.44
N GLU A 284 -35.46 14.70 -4.86
CA GLU A 284 -36.13 15.45 -3.79
C GLU A 284 -37.41 16.16 -4.24
N SER A 285 -37.53 16.48 -5.53
CA SER A 285 -38.74 17.11 -6.05
C SER A 285 -39.80 16.09 -6.50
N GLY A 286 -39.47 14.80 -6.41
CA GLY A 286 -40.41 13.72 -6.67
C GLY A 286 -40.34 13.06 -8.04
N ASP A 287 -39.23 13.24 -8.77
CA ASP A 287 -39.08 12.64 -10.10
C ASP A 287 -38.87 11.11 -10.04
N GLY A 288 -39.81 10.36 -10.62
CA GLY A 288 -39.76 8.89 -10.60
C GLY A 288 -38.61 8.26 -11.38
N ALA A 289 -38.29 8.81 -12.54
CA ALA A 289 -37.21 8.28 -13.39
C ALA A 289 -35.84 8.47 -12.71
N ALA A 290 -35.65 9.63 -12.09
CA ALA A 290 -34.42 9.93 -11.34
C ALA A 290 -34.25 8.94 -10.19
N GLN A 291 -35.31 8.73 -9.42
CA GLN A 291 -35.26 7.78 -8.31
C GLN A 291 -34.95 6.36 -8.80
N LEU A 292 -35.56 5.96 -9.90
CA LEU A 292 -35.34 4.62 -10.44
C LEU A 292 -33.90 4.46 -10.86
N ALA A 293 -33.39 5.46 -11.58
CA ALA A 293 -32.03 5.43 -12.06
C ALA A 293 -31.05 5.29 -10.90
N TYR A 294 -31.26 6.08 -9.86
CA TYR A 294 -30.42 6.03 -8.68
C TYR A 294 -30.58 4.70 -7.91
N SER A 295 -31.80 4.16 -7.82
CA SER A 295 -32.01 2.85 -7.17
CA SER A 295 -31.99 2.86 -7.16
C SER A 295 -31.27 1.71 -7.90
N VAL A 296 -31.31 1.72 -9.23
CA VAL A 296 -30.62 0.74 -10.07
C VAL A 296 -29.10 0.85 -9.86
N PHE A 297 -28.59 2.09 -9.88
CA PHE A 297 -27.16 2.38 -9.60
C PHE A 297 -26.76 1.81 -8.24
N THR A 298 -27.56 2.14 -7.23
CA THR A 298 -27.26 1.75 -5.86
C THR A 298 -27.32 0.22 -5.67
N HIS A 299 -28.33 -0.43 -6.24
CA HIS A 299 -28.42 -1.90 -6.15
C HIS A 299 -27.20 -2.61 -6.73
N ARG A 300 -26.77 -2.17 -7.92
CA ARG A 300 -25.60 -2.74 -8.58
C ARG A 300 -24.34 -2.57 -7.74
N LEU A 301 -24.17 -1.39 -7.17
CA LEU A 301 -23.00 -1.08 -6.34
C LEU A 301 -22.99 -1.91 -5.06
N ARG A 302 -24.14 -2.04 -4.41
CA ARG A 302 -24.24 -2.92 -3.21
C ARG A 302 -23.83 -4.37 -3.53
N LYS A 303 -24.24 -4.89 -4.69
CA LYS A 303 -23.87 -6.25 -5.07
C LYS A 303 -22.37 -6.42 -5.27
N TYR A 304 -21.72 -5.44 -5.90
CA TYR A 304 -20.26 -5.51 -6.09
C TYR A 304 -19.51 -5.49 -4.77
N ILE A 305 -19.98 -4.68 -3.83
CA ILE A 305 -19.38 -4.65 -2.52
C ILE A 305 -19.46 -6.02 -1.87
N GLY A 306 -20.66 -6.61 -1.86
CA GLY A 306 -20.85 -7.94 -1.28
C GLY A 306 -20.02 -9.00 -1.98
N ALA A 307 -20.01 -8.96 -3.33
CA ALA A 307 -19.25 -9.90 -4.15
C ALA A 307 -17.77 -9.85 -3.76
N TYR A 308 -17.24 -8.66 -3.61
CA TYR A 308 -15.80 -8.50 -3.29
C TYR A 308 -15.46 -8.81 -1.83
N LEU A 309 -16.39 -8.59 -0.90
CA LEU A 309 -16.24 -9.13 0.45
C LEU A 309 -16.04 -10.65 0.43
N ALA A 310 -16.81 -11.34 -0.41
CA ALA A 310 -16.69 -12.79 -0.54
C ALA A 310 -15.39 -13.20 -1.22
N VAL A 311 -14.96 -12.43 -2.23
CA VAL A 311 -13.69 -12.70 -2.91
C VAL A 311 -12.53 -12.60 -1.93
N LEU A 312 -12.51 -11.54 -1.13
CA LEU A 312 -11.44 -11.30 -0.17
C LEU A 312 -11.49 -12.22 1.06
N GLY A 313 -12.70 -12.57 1.51
CA GLY A 313 -12.86 -13.42 2.69
C GLY A 313 -12.76 -12.61 3.97
N HIS A 314 -11.59 -12.02 4.17
CA HIS A 314 -11.39 -11.00 5.19
C HIS A 314 -11.12 -9.67 4.49
N THR A 315 -11.81 -8.62 4.92
CA THR A 315 -11.60 -7.26 4.36
C THR A 315 -11.24 -6.31 5.48
N ASP A 316 -10.16 -5.56 5.30
CA ASP A 316 -9.76 -4.54 6.29
C ASP A 316 -10.41 -3.18 6.08
N VAL A 317 -10.56 -2.79 4.82
CA VAL A 317 -10.94 -1.43 4.50
C VAL A 317 -11.63 -1.36 3.14
N ILE A 318 -12.60 -0.44 3.06
CA ILE A 318 -13.34 -0.07 1.85
C ILE A 318 -13.17 1.43 1.69
N SER A 319 -12.71 1.87 0.51
CA SER A 319 -12.50 3.30 0.22
C SER A 319 -13.31 3.77 -0.99
N PHE A 320 -13.97 4.91 -0.82
CA PHE A 320 -14.65 5.60 -1.91
C PHE A 320 -13.73 6.62 -2.52
N THR A 321 -13.77 6.74 -3.85
CA THR A 321 -12.95 7.70 -4.55
C THR A 321 -13.60 8.21 -5.82
N ALA A 322 -12.89 9.14 -6.47
CA ALA A 322 -13.31 9.84 -7.69
C ALA A 322 -14.44 10.85 -7.39
N GLY A 323 -14.91 11.52 -8.45
CA GLY A 323 -15.82 12.68 -8.34
C GLY A 323 -17.02 12.45 -7.44
N ILE A 324 -17.72 11.34 -7.67
CA ILE A 324 -18.89 11.00 -6.86
C ILE A 324 -18.50 10.44 -5.50
N GLY A 325 -17.59 9.46 -5.47
CA GLY A 325 -17.20 8.86 -4.21
C GLY A 325 -16.62 9.85 -3.21
N GLU A 326 -15.89 10.85 -3.70
CA GLU A 326 -15.23 11.85 -2.82
C GLU A 326 -16.18 12.90 -2.26
N ASN A 327 -17.35 13.09 -2.88
CA ASN A 327 -18.19 14.25 -2.58
C ASN A 327 -19.66 13.98 -2.24
N ASP A 328 -20.16 12.79 -2.54
CA ASP A 328 -21.58 12.52 -2.43
C ASP A 328 -21.83 11.58 -1.25
N ALA A 329 -22.17 12.18 -0.11
CA ALA A 329 -22.47 11.46 1.12
C ALA A 329 -23.67 10.50 1.02
N ALA A 330 -24.67 10.86 0.21
CA ALA A 330 -25.84 9.97 0.00
C ALA A 330 -25.46 8.69 -0.72
N VAL A 331 -24.66 8.82 -1.78
CA VAL A 331 -24.18 7.65 -2.52
C VAL A 331 -23.49 6.68 -1.55
N ARG A 332 -22.62 7.22 -0.70
CA ARG A 332 -21.86 6.36 0.24
C ARG A 332 -22.78 5.72 1.28
N ARG A 333 -23.72 6.50 1.80
CA ARG A 333 -24.71 6.00 2.75
C ARG A 333 -25.55 4.88 2.13
N ASP A 334 -26.02 5.10 0.92
CA ASP A 334 -26.86 4.10 0.23
C ASP A 334 -26.08 2.86 -0.19
N ALA A 335 -24.79 3.03 -0.40
CA ALA A 335 -23.94 1.91 -0.82
C ALA A 335 -23.64 0.92 0.31
N VAL A 336 -23.48 1.39 1.55
CA VAL A 336 -23.04 0.49 2.64
C VAL A 336 -23.93 0.43 3.88
N SER A 337 -25.05 1.19 3.90
CA SER A 337 -26.01 1.03 5.00
C SER A 337 -26.62 -0.34 5.00
N GLY A 338 -27.06 -0.80 6.16
CA GLY A 338 -27.70 -2.11 6.25
C GLY A 338 -26.75 -3.27 5.98
N MET A 339 -25.46 -3.08 6.27
CA MET A 339 -24.45 -4.15 6.11
C MET A 339 -23.70 -4.43 7.40
N GLU A 340 -24.34 -4.12 8.53
CA GLU A 340 -23.72 -4.32 9.86
C GLU A 340 -23.35 -5.79 10.08
N GLU A 341 -24.18 -6.71 9.58
CA GLU A 341 -23.90 -8.14 9.71
C GLU A 341 -22.78 -8.62 8.78
N LEU A 342 -22.36 -7.79 7.83
CA LEU A 342 -21.18 -8.08 7.02
C LEU A 342 -19.93 -7.35 7.54
N GLY A 343 -20.06 -6.64 8.66
CA GLY A 343 -18.93 -5.99 9.35
C GLY A 343 -18.75 -4.51 9.06
N ILE A 344 -19.74 -3.88 8.43
CA ILE A 344 -19.66 -2.47 8.06
C ILE A 344 -20.64 -1.61 8.87
N VAL A 345 -20.10 -0.62 9.57
CA VAL A 345 -20.92 0.32 10.35
C VAL A 345 -20.50 1.73 9.96
N LEU A 346 -21.39 2.43 9.26
CA LEU A 346 -21.16 3.80 8.84
C LEU A 346 -21.49 4.79 9.96
N ASP A 347 -20.75 5.88 10.03
CA ASP A 347 -21.03 6.94 11.01
C ASP A 347 -21.63 8.12 10.27
N GLU A 348 -22.85 8.51 10.62
CA GLU A 348 -23.52 9.59 9.89
C GLU A 348 -22.77 10.92 9.91
N ARG A 349 -22.33 11.33 11.09
CA ARG A 349 -21.63 12.61 11.23
C ARG A 349 -20.34 12.64 10.41
N ARG A 350 -19.50 11.61 10.54
CA ARG A 350 -18.27 11.55 9.75
C ARG A 350 -18.52 11.52 8.25
N ASN A 351 -19.53 10.76 7.83
CA ASN A 351 -19.86 10.68 6.42
C ASN A 351 -20.24 12.07 5.87
N LEU A 352 -20.94 12.86 6.70
CA LEU A 352 -21.41 14.17 6.29
C LEU A 352 -20.37 15.28 6.46
N ALA A 353 -19.16 14.93 6.92
CA ALA A 353 -18.10 15.93 7.16
C ALA A 353 -17.78 16.71 5.90
N GLY A 354 -17.51 18.00 6.07
CA GLY A 354 -17.22 18.91 4.96
C GLY A 354 -15.82 18.82 4.36
N GLY A 355 -14.89 18.20 5.09
CA GLY A 355 -13.49 18.09 4.65
C GLY A 355 -13.30 17.27 3.40
N LYS A 356 -12.17 17.47 2.72
CA LYS A 356 -11.92 16.77 1.45
C LYS A 356 -10.61 15.95 1.40
N GLY A 357 -9.94 15.78 2.54
CA GLY A 357 -8.77 14.92 2.59
C GLY A 357 -9.19 13.47 2.86
N ALA A 358 -8.21 12.57 2.83
CA ALA A 358 -8.48 11.19 3.20
C ALA A 358 -9.03 11.16 4.62
N ARG A 359 -10.09 10.38 4.85
CA ARG A 359 -10.79 10.43 6.13
C ARG A 359 -11.64 9.20 6.38
N GLN A 360 -11.86 8.89 7.65
CA GLN A 360 -12.69 7.78 8.06
C GLN A 360 -14.14 8.21 8.05
N ILE A 361 -15.00 7.39 7.44
CA ILE A 361 -16.45 7.62 7.51
C ILE A 361 -17.19 6.51 8.26
N SER A 362 -16.51 5.40 8.56
CA SER A 362 -17.07 4.36 9.39
C SER A 362 -17.09 4.81 10.86
N ALA A 363 -17.94 4.17 11.65
CA ALA A 363 -17.89 4.30 13.10
C ALA A 363 -16.57 3.75 13.63
N ASP A 364 -16.15 4.26 14.78
CA ASP A 364 -14.88 3.85 15.37
C ASP A 364 -14.75 2.34 15.54
N ASP A 365 -15.84 1.69 15.93
CA ASP A 365 -15.80 0.24 16.22
C ASP A 365 -16.20 -0.66 15.04
N SER A 366 -16.33 -0.12 13.83
CA SER A 366 -16.71 -0.91 12.66
C SER A 366 -15.64 -1.98 12.39
N PRO A 367 -16.04 -3.26 12.29
CA PRO A 367 -15.02 -4.28 12.00
C PRO A 367 -14.24 -3.99 10.70
N ILE A 368 -14.94 -3.51 9.68
CA ILE A 368 -14.30 -3.05 8.44
C ILE A 368 -14.24 -1.53 8.44
N THR A 369 -13.04 -0.98 8.24
CA THR A 369 -12.89 0.48 8.11
C THR A 369 -13.43 0.96 6.76
N VAL A 370 -14.12 2.10 6.78
CA VAL A 370 -14.62 2.71 5.55
C VAL A 370 -14.05 4.11 5.45
N LEU A 371 -13.41 4.40 4.32
CA LEU A 371 -12.76 5.68 4.07
C LEU A 371 -13.29 6.38 2.83
N VAL A 372 -13.10 7.70 2.80
CA VAL A 372 -13.00 8.43 1.55
C VAL A 372 -11.52 8.73 1.34
N VAL A 373 -11.01 8.37 0.18
CA VAL A 373 -9.60 8.59 -0.14
C VAL A 373 -9.55 9.25 -1.53
N PRO A 374 -9.26 10.56 -1.59
CA PRO A 374 -9.23 11.24 -2.88
C PRO A 374 -8.20 10.64 -3.81
N THR A 375 -8.56 10.48 -5.06
CA THR A 375 -7.64 9.97 -6.05
C THR A 375 -6.86 11.14 -6.66
N ASN A 376 -5.68 10.84 -7.14
CA ASN A 376 -4.87 11.81 -7.87
C ASN A 376 -4.07 11.08 -8.92
N GLU A 377 -4.74 10.78 -10.03
CA GLU A 377 -4.15 9.96 -11.07
C GLU A 377 -2.95 10.66 -11.70
N GLU A 378 -3.02 11.98 -11.79
CA GLU A 378 -1.96 12.76 -12.42
C GLU A 378 -0.68 12.72 -11.58
N LEU A 379 -0.83 12.85 -10.26
CA LEU A 379 0.31 12.72 -9.36
C LEU A 379 0.92 11.32 -9.43
N ALA A 380 0.06 10.30 -9.46
CA ALA A 380 0.51 8.90 -9.56
C ALA A 380 1.34 8.68 -10.82
N ILE A 381 0.83 9.18 -11.93
CA ILE A 381 1.51 9.06 -13.22
C ILE A 381 2.82 9.86 -13.22
N ALA A 382 2.79 11.09 -12.71
CA ALA A 382 4.03 11.88 -12.58
C ALA A 382 5.08 11.08 -11.81
N ARG A 383 4.69 10.46 -10.70
CA ARG A 383 5.63 9.65 -9.93
C ARG A 383 6.10 8.39 -10.66
N ASP A 384 5.21 7.75 -11.40
CA ASP A 384 5.57 6.59 -12.27
C ASP A 384 6.66 6.97 -13.30
N CYS A 385 6.52 8.16 -13.89
CA CYS A 385 7.49 8.64 -14.88
C CYS A 385 8.88 8.81 -14.27
N VAL A 386 8.94 9.52 -13.14
CA VAL A 386 10.20 9.74 -12.44
C VAL A 386 10.87 8.41 -12.08
N ARG A 387 10.06 7.48 -11.58
CA ARG A 387 10.54 6.17 -11.15
CA ARG A 387 10.53 6.16 -11.14
C ARG A 387 11.15 5.37 -12.29
N VAL A 388 10.42 5.23 -13.39
CA VAL A 388 10.90 4.43 -14.50
C VAL A 388 12.16 5.03 -15.14
N LEU A 389 12.33 6.35 -15.01
CA LEU A 389 13.49 7.04 -15.57
C LEU A 389 14.70 7.03 -14.61
N GLY A 390 14.55 6.41 -13.44
CA GLY A 390 15.63 6.26 -12.46
C GLY A 390 15.60 7.24 -11.29
N GLY A 391 14.60 8.14 -11.25
CA GLY A 391 14.62 9.27 -10.32
C GLY A 391 14.27 8.91 -8.89
N ALA B 11 10.98 -18.98 -12.61
CA ALA B 11 10.82 -18.10 -11.41
C ALA B 11 10.77 -18.92 -10.13
N ARG B 12 11.53 -18.49 -9.12
CA ARG B 12 11.57 -19.18 -7.84
C ARG B 12 10.77 -18.38 -6.81
N ARG B 13 10.21 -19.07 -5.81
CA ARG B 13 9.51 -18.42 -4.73
C ARG B 13 9.83 -19.03 -3.37
N VAL B 14 9.67 -18.22 -2.33
CA VAL B 14 9.88 -18.65 -0.97
C VAL B 14 8.62 -18.31 -0.21
N LEU B 15 8.14 -19.28 0.58
CA LEU B 15 6.99 -19.07 1.44
C LEU B 15 7.52 -18.66 2.80
N VAL B 16 7.21 -17.42 3.20
CA VAL B 16 7.68 -16.87 4.47
C VAL B 16 6.56 -16.89 5.48
N ILE B 17 6.81 -17.56 6.59
CA ILE B 17 5.81 -17.81 7.60
C ILE B 17 6.17 -17.15 8.94
N ASN B 18 5.16 -16.57 9.60
CA ASN B 18 5.29 -16.07 10.98
C ASN B 18 4.18 -16.68 11.80
N SER B 19 4.53 -17.68 12.58
CA SER B 19 3.57 -18.51 13.29
C SER B 19 3.49 -18.09 14.75
N GLY B 20 2.38 -17.43 15.09
CA GLY B 20 2.14 -16.94 16.44
C GLY B 20 1.16 -17.82 17.19
N SER B 21 0.95 -17.47 18.46
CA SER B 21 0.05 -18.18 19.35
C SER B 21 -1.37 -18.24 18.80
N SER B 22 -1.89 -17.10 18.34
CA SER B 22 -3.27 -17.03 17.86
C SER B 22 -3.39 -16.74 16.34
N SER B 23 -2.26 -16.43 15.69
CA SER B 23 -2.31 -16.10 14.26
C SER B 23 -1.11 -16.65 13.49
N LEU B 24 -1.31 -16.85 12.20
CA LEU B 24 -0.23 -17.25 11.30
C LEU B 24 -0.27 -16.37 10.08
N LYS B 25 0.82 -15.64 9.86
CA LYS B 25 0.98 -14.76 8.72
C LYS B 25 1.85 -15.45 7.69
N PHE B 26 1.51 -15.31 6.42
CA PHE B 26 2.30 -15.90 5.36
C PHE B 26 2.39 -14.99 4.16
N GLN B 27 3.47 -15.16 3.42
CA GLN B 27 3.63 -14.48 2.14
C GLN B 27 4.45 -15.35 1.22
N LEU B 28 3.95 -15.57 -0.01
CA LEU B 28 4.71 -16.23 -1.03
C LEU B 28 5.40 -15.14 -1.86
N VAL B 29 6.72 -15.14 -1.82
CA VAL B 29 7.53 -14.01 -2.31
C VAL B 29 8.46 -14.46 -3.42
N ASP B 30 8.55 -13.66 -4.47
CA ASP B 30 9.59 -13.85 -5.46
C ASP B 30 10.82 -13.00 -5.03
N PRO B 31 11.93 -13.65 -4.64
CA PRO B 31 13.08 -12.91 -4.13
C PRO B 31 13.91 -12.17 -5.18
N GLU B 32 13.79 -12.58 -6.44
CA GLU B 32 14.57 -12.00 -7.53
C GLU B 32 14.04 -10.62 -7.85
N PHE B 33 12.78 -10.54 -8.27
CA PHE B 33 12.17 -9.25 -8.62
C PHE B 33 11.24 -8.68 -7.54
N GLY B 34 11.18 -9.34 -6.37
CA GLY B 34 10.48 -8.79 -5.20
C GLY B 34 8.96 -8.79 -5.19
N VAL B 35 8.32 -9.53 -6.09
CA VAL B 35 6.85 -9.59 -6.15
C VAL B 35 6.31 -10.52 -5.04
N ALA B 36 5.20 -10.12 -4.41
CA ALA B 36 4.44 -11.05 -3.60
C ALA B 36 3.35 -11.58 -4.51
N ALA B 37 3.38 -12.88 -4.77
CA ALA B 37 2.30 -13.59 -5.46
C ALA B 37 1.06 -13.66 -4.57
N SER B 38 1.27 -13.81 -3.26
CA SER B 38 0.15 -13.88 -2.32
C SER B 38 0.59 -13.66 -0.88
N THR B 39 -0.21 -12.88 -0.15
CA THR B 39 -0.01 -12.64 1.27
C THR B 39 -1.32 -12.94 2.03
N GLY B 40 -1.22 -13.27 3.31
CA GLY B 40 -2.40 -13.56 4.10
C GLY B 40 -2.16 -13.77 5.57
N ILE B 41 -3.26 -13.82 6.32
CA ILE B 41 -3.20 -14.06 7.75
C ILE B 41 -4.34 -14.98 8.16
N VAL B 42 -4.03 -15.93 9.03
CA VAL B 42 -5.00 -16.82 9.62
C VAL B 42 -5.14 -16.42 11.08
N GLU B 43 -6.34 -16.03 11.49
CA GLU B 43 -6.54 -15.46 12.84
C GLU B 43 -7.32 -16.42 13.74
N ARG B 44 -7.34 -16.12 15.04
CA ARG B 44 -8.14 -16.87 16.04
C ARG B 44 -7.78 -18.35 16.18
N ILE B 45 -6.51 -18.70 15.97
CA ILE B 45 -6.06 -20.08 16.07
C ILE B 45 -6.25 -20.61 17.49
N GLY B 46 -6.98 -21.71 17.63
CA GLY B 46 -7.21 -22.36 18.91
C GLY B 46 -8.14 -21.67 19.89
N GLU B 47 -8.92 -20.70 19.41
CA GLU B 47 -9.84 -19.95 20.28
C GLU B 47 -11.25 -20.54 20.29
N SER B 50 -13.43 -21.24 17.51
CA SER B 50 -12.82 -20.95 16.22
C SER B 50 -12.95 -22.11 15.25
N PRO B 51 -12.97 -21.80 13.93
CA PRO B 51 -12.84 -22.81 12.87
C PRO B 51 -11.39 -23.25 12.63
N VAL B 52 -10.43 -22.58 13.26
CA VAL B 52 -9.02 -22.99 13.19
C VAL B 52 -8.56 -23.44 14.59
N PRO B 53 -8.70 -24.74 14.90
CA PRO B 53 -8.40 -25.23 16.24
C PRO B 53 -6.91 -25.32 16.58
N ASP B 54 -6.06 -25.56 15.56
CA ASP B 54 -4.61 -25.71 15.79
C ASP B 54 -3.81 -25.17 14.61
N HIS B 55 -2.49 -25.21 14.72
CA HIS B 55 -1.60 -24.69 13.67
C HIS B 55 -1.60 -25.57 12.43
N ASP B 56 -1.93 -26.84 12.58
CA ASP B 56 -2.10 -27.74 11.44
C ASP B 56 -3.22 -27.23 10.54
N ALA B 57 -4.41 -27.06 11.11
CA ALA B 57 -5.53 -26.49 10.38
C ALA B 57 -5.18 -25.13 9.78
N ALA B 58 -4.39 -24.33 10.52
CA ALA B 58 -4.02 -22.99 10.10
C ALA B 58 -3.19 -22.99 8.82
N LEU B 59 -2.17 -23.85 8.77
CA LEU B 59 -1.33 -23.93 7.57
C LEU B 59 -2.12 -24.50 6.39
N ARG B 60 -2.96 -25.48 6.65
CA ARG B 60 -3.84 -26.02 5.62
C ARG B 60 -4.75 -24.91 5.09
N ARG B 61 -5.23 -24.07 5.99
CA ARG B 61 -6.06 -22.94 5.60
C ARG B 61 -5.27 -21.96 4.71
N ALA B 62 -4.02 -21.69 5.10
CA ALA B 62 -3.14 -20.86 4.28
C ALA B 62 -2.96 -21.44 2.88
N PHE B 63 -2.85 -22.77 2.77
CA PHE B 63 -2.76 -23.41 1.46
C PHE B 63 -4.01 -23.16 0.62
N ASP B 64 -5.17 -23.22 1.29
CA ASP B 64 -6.45 -23.03 0.60
C ASP B 64 -6.60 -21.59 0.14
N MET B 65 -6.14 -20.65 0.98
CA MET B 65 -6.13 -19.24 0.62
C MET B 65 -5.24 -19.01 -0.59
N LEU B 66 -4.03 -19.57 -0.57
CA LEU B 66 -3.13 -19.48 -1.73
C LEU B 66 -3.80 -20.04 -3.00
N ALA B 67 -4.35 -21.25 -2.88
CA ALA B 67 -5.06 -21.90 -3.99
C ALA B 67 -6.18 -21.03 -4.53
N GLY B 68 -6.94 -20.41 -3.62
CA GLY B 68 -8.05 -19.55 -3.98
C GLY B 68 -7.67 -18.31 -4.78
N ASP B 69 -6.44 -17.83 -4.57
CA ASP B 69 -5.92 -16.70 -5.35
C ASP B 69 -5.08 -17.16 -6.54
N GLY B 70 -5.23 -18.43 -6.95
CA GLY B 70 -4.61 -18.94 -8.18
C GLY B 70 -3.24 -19.60 -8.03
N VAL B 71 -2.74 -19.70 -6.79
CA VAL B 71 -1.41 -20.28 -6.55
C VAL B 71 -1.48 -21.79 -6.26
N ASP B 72 -0.75 -22.58 -7.04
CA ASP B 72 -0.51 -23.99 -6.70
C ASP B 72 0.94 -24.11 -6.28
N LEU B 73 1.19 -24.37 -5.00
CA LEU B 73 2.56 -24.49 -4.50
C LEU B 73 3.36 -25.59 -5.23
N ASN B 74 2.64 -26.59 -5.74
CA ASN B 74 3.24 -27.63 -6.59
C ASN B 74 3.79 -27.08 -7.92
N THR B 75 3.21 -25.99 -8.42
CA THR B 75 3.62 -25.37 -9.69
C THR B 75 4.23 -23.96 -9.55
N ALA B 76 4.38 -23.49 -8.31
CA ALA B 76 4.79 -22.09 -8.05
C ALA B 76 6.30 -21.85 -8.01
N GLY B 77 7.10 -22.90 -8.24
CA GLY B 77 8.55 -22.80 -8.12
C GLY B 77 8.99 -22.55 -6.68
N LEU B 78 8.28 -23.17 -5.73
CA LEU B 78 8.62 -23.08 -4.31
C LEU B 78 9.97 -23.73 -4.05
N VAL B 79 10.94 -22.95 -3.58
CA VAL B 79 12.30 -23.46 -3.34
C VAL B 79 12.70 -23.47 -1.86
N ALA B 80 11.89 -22.88 -0.99
CA ALA B 80 12.15 -22.89 0.44
C ALA B 80 10.96 -22.36 1.22
N VAL B 81 10.88 -22.77 2.49
CA VAL B 81 9.99 -22.17 3.46
C VAL B 81 10.86 -21.43 4.48
N GLY B 82 10.57 -20.16 4.70
CA GLY B 82 11.30 -19.32 5.66
C GLY B 82 10.47 -19.14 6.92
N HIS B 83 11.02 -19.54 8.05
CA HIS B 83 10.34 -19.44 9.34
C HIS B 83 10.91 -18.31 10.20
N ARG B 84 10.03 -17.38 10.60
CA ARG B 84 10.45 -16.28 11.45
C ARG B 84 10.49 -16.72 12.90
N VAL B 85 11.65 -16.53 13.52
CA VAL B 85 11.80 -16.80 14.95
C VAL B 85 12.28 -15.51 15.63
N VAL B 86 11.55 -15.06 16.64
CA VAL B 86 11.84 -13.77 17.29
C VAL B 86 13.24 -13.75 17.93
N HIS B 87 13.55 -14.77 18.72
CA HIS B 87 14.75 -14.75 19.57
C HIS B 87 15.65 -15.96 19.29
N GLY B 88 16.86 -15.70 18.77
CA GLY B 88 17.87 -16.73 18.55
C GLY B 88 18.94 -16.80 19.64
N GLY B 89 18.78 -16.00 20.70
CA GLY B 89 19.76 -15.92 21.78
C GLY B 89 21.15 -15.67 21.23
N ASN B 90 22.16 -16.26 21.87
CA ASN B 90 23.55 -16.11 21.43
C ASN B 90 24.00 -17.18 20.45
N THR B 91 23.17 -18.19 20.22
CA THR B 91 23.59 -19.36 19.46
C THR B 91 23.11 -19.39 18.01
N PHE B 92 21.97 -18.74 17.73
CA PHE B 92 21.40 -18.72 16.39
C PHE B 92 21.25 -17.28 15.90
N TYR B 93 22.07 -16.89 14.92
CA TYR B 93 21.99 -15.53 14.39
C TYR B 93 22.02 -15.45 12.86
N ARG B 94 22.53 -16.48 12.18
CA ARG B 94 22.52 -16.53 10.74
C ARG B 94 21.27 -17.29 10.27
N PRO B 95 20.86 -17.10 9.01
CA PRO B 95 19.80 -17.96 8.53
C PRO B 95 20.23 -19.42 8.65
N THR B 96 19.36 -20.24 9.20
CA THR B 96 19.72 -21.59 9.61
C THR B 96 18.85 -22.66 8.95
N VAL B 97 19.46 -23.53 8.14
CA VAL B 97 18.73 -24.61 7.52
C VAL B 97 18.30 -25.58 8.61
N LEU B 98 17.03 -25.94 8.63
CA LEU B 98 16.47 -26.73 9.73
C LEU B 98 16.60 -28.25 9.51
N ASP B 99 16.89 -28.96 10.60
CA ASP B 99 16.73 -30.42 10.70
C ASP B 99 16.28 -30.73 12.13
N ASP B 100 16.07 -32.02 12.44
CA ASP B 100 15.56 -32.42 13.76
C ASP B 100 16.44 -31.94 14.91
N ALA B 101 17.76 -32.07 14.76
CA ALA B 101 18.68 -31.70 15.82
C ALA B 101 18.71 -30.19 16.10
N VAL B 102 18.70 -29.37 15.05
CA VAL B 102 18.62 -27.90 15.21
C VAL B 102 17.31 -27.52 15.92
N ILE B 103 16.21 -28.12 15.50
CA ILE B 103 14.88 -27.81 16.07
C ILE B 103 14.81 -28.19 17.56
N ALA B 104 15.39 -29.33 17.92
CA ALA B 104 15.51 -29.68 19.33
C ALA B 104 16.23 -28.57 20.09
N ARG B 105 17.39 -28.14 19.58
CA ARG B 105 18.17 -27.10 20.24
C ARG B 105 17.44 -25.76 20.33
N LEU B 106 16.62 -25.44 19.33
CA LEU B 106 15.86 -24.19 19.35
C LEU B 106 14.91 -24.10 20.55
N HIS B 107 14.42 -25.25 21.03
CA HIS B 107 13.54 -25.30 22.20
C HIS B 107 14.15 -24.64 23.43
N GLU B 108 15.48 -24.65 23.53
CA GLU B 108 16.19 -24.08 24.69
C GLU B 108 16.12 -22.55 24.81
N LEU B 109 15.77 -21.88 23.71
CA LEU B 109 15.68 -20.41 23.72
C LEU B 109 14.33 -19.90 24.23
N SER B 110 13.41 -20.81 24.58
CA SER B 110 12.04 -20.41 24.93
C SER B 110 11.93 -19.53 26.18
N GLU B 111 12.82 -19.69 27.18
CA GLU B 111 12.77 -18.76 28.32
C GLU B 111 13.08 -17.31 27.98
N LEU B 112 13.81 -17.10 26.88
CA LEU B 112 14.08 -15.74 26.40
C LEU B 112 12.84 -15.16 25.69
N ALA B 113 11.99 -16.01 25.12
CA ALA B 113 10.80 -15.53 24.41
C ALA B 113 9.62 -16.50 24.57
N PRO B 114 9.14 -16.66 25.82
CA PRO B 114 8.19 -17.74 26.13
C PRO B 114 6.84 -17.62 25.42
N LEU B 115 6.47 -16.42 24.99
CA LEU B 115 5.22 -16.20 24.27
C LEU B 115 5.35 -16.47 22.77
N HIS B 116 6.49 -16.10 22.19
CA HIS B 116 6.64 -16.07 20.73
C HIS B 116 7.46 -17.20 20.13
N ASN B 117 8.49 -17.67 20.82
CA ASN B 117 9.31 -18.73 20.24
C ASN B 117 8.57 -20.09 20.13
N PRO B 118 7.81 -20.50 21.17
CA PRO B 118 7.13 -21.80 21.05
C PRO B 118 6.16 -21.98 19.85
N PRO B 119 5.32 -20.97 19.55
CA PRO B 119 4.44 -21.17 18.38
C PRO B 119 5.19 -21.15 17.05
N ALA B 120 6.35 -20.50 16.98
CA ALA B 120 7.21 -20.59 15.80
C ALA B 120 7.70 -22.02 15.61
N LEU B 121 8.04 -22.69 16.71
CA LEU B 121 8.45 -24.09 16.67
C LEU B 121 7.28 -24.99 16.26
N GLN B 122 6.05 -24.61 16.64
CA GLN B 122 4.86 -25.31 16.15
C GLN B 122 4.66 -25.16 14.64
N GLY B 123 4.88 -23.94 14.13
CA GLY B 123 4.84 -23.70 12.68
C GLY B 123 5.87 -24.50 11.90
N ILE B 124 7.08 -24.62 12.44
CA ILE B 124 8.13 -25.44 11.84
C ILE B 124 7.70 -26.92 11.79
N GLU B 125 7.18 -27.43 12.90
CA GLU B 125 6.81 -28.83 12.98
C GLU B 125 5.73 -29.17 11.94
N VAL B 126 4.72 -28.32 11.85
CA VAL B 126 3.62 -28.53 10.90
C VAL B 126 4.07 -28.39 9.46
N ALA B 127 4.79 -27.30 9.18
CA ALA B 127 5.29 -27.04 7.82
C ALA B 127 6.23 -28.14 7.31
N ARG B 128 7.10 -28.66 8.17
CA ARG B 128 8.05 -29.70 7.76
C ARG B 128 7.33 -31.01 7.44
N ARG B 129 6.24 -31.28 8.16
CA ARG B 129 5.33 -32.39 7.83
C ARG B 129 4.61 -32.22 6.49
N LEU B 130 3.93 -31.09 6.30
CA LEU B 130 3.09 -30.87 5.11
C LEU B 130 3.90 -30.51 3.88
N LEU B 131 5.12 -29.99 4.05
CA LEU B 131 5.99 -29.63 2.93
C LEU B 131 7.37 -30.29 3.08
N PRO B 132 7.41 -31.63 3.05
CA PRO B 132 8.63 -32.34 3.41
C PRO B 132 9.72 -32.32 2.34
N ASP B 133 9.38 -31.95 1.10
CA ASP B 133 10.34 -32.07 -0.01
C ASP B 133 11.00 -30.76 -0.44
N ILE B 134 10.96 -29.75 0.43
CA ILE B 134 11.75 -28.52 0.22
C ILE B 134 12.40 -28.10 1.53
N ALA B 135 13.46 -27.31 1.43
CA ALA B 135 14.22 -26.91 2.60
C ALA B 135 13.42 -25.93 3.44
N HIS B 136 13.58 -26.04 4.76
CA HIS B 136 13.01 -25.08 5.71
C HIS B 136 14.16 -24.36 6.40
N VAL B 137 14.06 -23.04 6.47
CA VAL B 137 15.13 -22.17 6.96
C VAL B 137 14.57 -21.24 8.03
N ALA B 138 15.24 -21.14 9.18
CA ALA B 138 14.82 -20.19 10.22
C ALA B 138 15.64 -18.90 10.10
N VAL B 139 14.95 -17.77 10.28
CA VAL B 139 15.61 -16.46 10.34
C VAL B 139 15.23 -15.81 11.66
N PHE B 140 16.23 -15.26 12.35
CA PHE B 140 16.08 -14.81 13.73
C PHE B 140 16.10 -13.28 13.78
N ASP B 141 15.11 -12.71 14.43
CA ASP B 141 14.95 -11.25 14.50
C ASP B 141 16.03 -10.59 15.36
N THR B 142 16.77 -11.38 16.13
CA THR B 142 17.91 -10.92 16.94
C THR B 142 19.24 -10.97 16.17
N GLY B 143 19.25 -11.67 15.03
CA GLY B 143 20.49 -12.06 14.38
C GLY B 143 21.40 -10.92 13.96
N PHE B 144 20.82 -9.87 13.39
CA PHE B 144 21.59 -8.73 12.91
C PHE B 144 22.45 -8.13 14.01
N PHE B 145 21.97 -8.19 15.25
CA PHE B 145 22.63 -7.55 16.38
C PHE B 145 23.55 -8.48 17.18
N HIS B 146 23.77 -9.69 16.66
CA HIS B 146 24.63 -10.64 17.37
C HIS B 146 25.98 -10.07 17.68
N ASP B 147 26.60 -9.38 16.72
CA ASP B 147 27.96 -8.85 16.92
C ASP B 147 28.00 -7.36 17.30
N LEU B 148 26.97 -6.89 18.01
CA LEU B 148 27.05 -5.57 18.68
C LEU B 148 28.35 -5.45 19.45
N PRO B 149 29.00 -4.28 19.40
CA PRO B 149 30.19 -4.16 20.25
C PRO B 149 29.92 -4.50 21.72
N PRO B 150 30.89 -5.15 22.40
CA PRO B 150 30.72 -5.47 23.82
C PRO B 150 30.26 -4.30 24.69
N ALA B 151 30.76 -3.09 24.40
CA ALA B 151 30.38 -1.88 25.17
C ALA B 151 28.86 -1.59 25.11
N ALA B 152 28.22 -1.95 23.99
CA ALA B 152 26.78 -1.74 23.82
C ALA B 152 25.95 -2.98 24.18
N ALA B 153 26.53 -4.16 24.01
CA ALA B 153 25.83 -5.44 24.23
C ALA B 153 25.74 -5.84 25.71
N THR B 154 26.69 -5.37 26.51
CA THR B 154 26.85 -5.82 27.89
C THR B 154 26.12 -4.88 28.85
N TYR B 155 25.18 -5.41 29.62
CA TYR B 155 24.58 -4.62 30.69
C TYR B 155 25.58 -4.53 31.83
N ALA B 156 25.47 -3.47 32.63
CA ALA B 156 26.37 -3.27 33.76
C ALA B 156 25.75 -3.95 34.98
N ILE B 157 25.77 -5.28 34.96
CA ILE B 157 25.29 -6.09 36.07
C ILE B 157 26.36 -7.12 36.44
N ASP B 158 26.09 -7.86 37.51
CA ASP B 158 26.96 -8.95 37.98
C ASP B 158 27.37 -9.86 36.81
N ARG B 159 28.65 -9.85 36.46
CA ARG B 159 29.15 -10.53 35.25
C ARG B 159 28.94 -12.04 35.28
N GLU B 160 29.22 -12.68 36.42
CA GLU B 160 29.00 -14.12 36.57
C GLU B 160 27.54 -14.49 36.35
N LEU B 161 26.63 -13.69 36.92
CA LEU B 161 25.21 -13.90 36.70
C LEU B 161 24.83 -13.73 35.22
N ALA B 162 25.38 -12.69 34.59
CA ALA B 162 25.05 -12.38 33.19
C ALA B 162 25.48 -13.53 32.27
N ASP B 163 26.73 -13.94 32.41
CA ASP B 163 27.28 -15.09 31.66
C ASP B 163 26.47 -16.38 31.85
N ARG B 164 26.13 -16.70 33.09
CA ARG B 164 25.44 -17.97 33.38
C ARG B 164 24.09 -18.04 32.71
N TRP B 165 23.40 -16.91 32.66
CA TRP B 165 22.04 -16.89 32.14
C TRP B 165 21.97 -16.20 30.79
N GLN B 166 23.13 -15.93 30.18
CA GLN B 166 23.23 -15.35 28.83
C GLN B 166 22.44 -14.05 28.69
N ILE B 167 22.60 -13.20 29.71
CA ILE B 167 21.95 -11.90 29.73
C ILE B 167 22.80 -10.90 28.98
N ARG B 168 22.18 -10.27 28.00
CA ARG B 168 22.82 -9.21 27.23
C ARG B 168 21.75 -8.45 26.46
N ARG B 169 22.14 -7.35 25.83
CA ARG B 169 21.27 -6.66 24.89
C ARG B 169 21.27 -7.47 23.60
N TYR B 170 20.14 -8.10 23.27
CA TYR B 170 20.03 -8.88 22.04
C TYR B 170 19.59 -8.02 20.87
N GLY B 171 18.54 -7.23 21.08
CA GLY B 171 18.01 -6.35 20.03
C GLY B 171 17.06 -7.08 19.10
N PHE B 172 16.07 -6.35 18.56
CA PHE B 172 15.07 -6.95 17.67
C PHE B 172 14.76 -6.04 16.46
N HIS B 173 13.81 -6.45 15.63
CA HIS B 173 13.62 -5.86 14.30
C HIS B 173 14.92 -5.92 13.46
N GLY B 174 15.76 -6.92 13.69
CA GLY B 174 17.03 -7.02 13.01
C GLY B 174 16.93 -7.10 11.49
N THR B 175 15.96 -7.87 11.02
CA THR B 175 15.74 -7.98 9.57
C THR B 175 15.40 -6.62 8.98
N SER B 176 14.52 -5.87 9.66
CA SER B 176 14.10 -4.57 9.18
C SER B 176 15.25 -3.55 9.21
N HIS B 177 15.97 -3.48 10.31
CA HIS B 177 17.08 -2.51 10.44
C HIS B 177 18.12 -2.76 9.37
N ARG B 178 18.50 -4.02 9.18
CA ARG B 178 19.49 -4.32 8.13
C ARG B 178 18.98 -3.99 6.73
N TYR B 179 17.77 -4.42 6.43
CA TYR B 179 17.17 -4.19 5.11
C TYR B 179 17.08 -2.70 4.79
N VAL B 180 16.55 -1.93 5.73
CA VAL B 180 16.44 -0.50 5.52
C VAL B 180 17.83 0.17 5.38
N SER B 181 18.80 -0.27 6.17
CA SER B 181 20.17 0.28 6.04
C SER B 181 20.74 0.06 4.62
N GLU B 182 20.50 -1.12 4.07
CA GLU B 182 20.90 -1.45 2.70
C GLU B 182 20.16 -0.59 1.66
N GLN B 183 18.86 -0.41 1.88
CA GLN B 183 18.05 0.37 0.93
C GLN B 183 18.35 1.87 0.98
N ALA B 184 18.71 2.37 2.16
CA ALA B 184 19.15 3.76 2.29
C ALA B 184 20.45 3.97 1.51
N ALA B 185 21.38 3.02 1.63
CA ALA B 185 22.63 3.11 0.89
C ALA B 185 22.35 3.13 -0.60
N ALA B 186 21.45 2.26 -1.06
CA ALA B 186 21.07 2.21 -2.47
C ALA B 186 20.42 3.52 -2.93
N PHE B 187 19.52 4.08 -2.11
CA PHE B 187 18.90 5.36 -2.44
C PHE B 187 19.92 6.48 -2.62
N LEU B 188 20.92 6.51 -1.74
CA LEU B 188 21.96 7.53 -1.79
C LEU B 188 23.05 7.22 -2.83
N ASP B 189 23.03 6.03 -3.42
CA ASP B 189 24.06 5.59 -4.37
C ASP B 189 25.46 5.71 -3.73
N ARG B 190 25.57 5.19 -2.52
CA ARG B 190 26.84 5.16 -1.79
C ARG B 190 27.07 3.75 -1.27
N PRO B 191 28.34 3.29 -1.25
CA PRO B 191 28.59 1.99 -0.68
C PRO B 191 28.12 1.92 0.78
N LEU B 192 27.39 0.86 1.11
CA LEU B 192 26.87 0.67 2.47
C LEU B 192 28.02 0.68 3.49
N ARG B 193 29.16 0.07 3.13
CA ARG B 193 30.26 -0.07 4.08
C ARG B 193 30.85 1.28 4.53
N GLY B 194 30.71 2.31 3.71
CA GLY B 194 31.18 3.64 4.06
C GLY B 194 30.18 4.55 4.78
N LEU B 195 28.99 4.04 5.10
CA LEU B 195 27.89 4.89 5.59
C LEU B 195 27.64 4.67 7.05
N LYS B 196 27.35 5.76 7.77
CA LYS B 196 26.90 5.67 9.16
C LYS B 196 25.47 6.20 9.22
N GLN B 197 24.59 5.44 9.85
CA GLN B 197 23.18 5.78 9.81
C GLN B 197 22.41 5.36 11.03
N ILE B 198 21.25 5.97 11.16
CA ILE B 198 20.26 5.67 12.18
C ILE B 198 19.02 5.19 11.44
N VAL B 199 18.41 4.12 11.92
CA VAL B 199 17.13 3.64 11.39
C VAL B 199 16.13 3.63 12.53
N LEU B 200 14.95 4.17 12.24
CA LEU B 200 13.85 4.26 13.20
C LEU B 200 12.67 3.42 12.68
N HIS B 201 12.50 2.25 13.28
CA HIS B 201 11.45 1.34 12.89
C HIS B 201 10.27 1.60 13.82
N LEU B 202 9.30 2.35 13.34
CA LEU B 202 8.17 2.77 14.17
C LEU B 202 6.89 2.09 13.67
N GLY B 203 6.50 1.03 14.38
CA GLY B 203 5.35 0.20 14.01
C GLY B 203 4.61 -0.19 15.27
N ASN B 204 4.10 -1.42 15.32
CA ASN B 204 3.45 -1.89 16.54
C ASN B 204 4.49 -2.00 17.67
N GLY B 205 5.64 -2.57 17.37
CA GLY B 205 6.85 -2.37 18.16
C GLY B 205 7.61 -1.21 17.57
N CYS B 206 8.39 -0.51 18.40
CA CYS B 206 9.25 0.58 17.95
C CYS B 206 10.66 0.36 18.44
N SER B 207 11.62 0.47 17.52
CA SER B 207 13.03 0.33 17.86
C SER B 207 13.89 1.25 16.96
N ALA B 208 15.02 1.67 17.51
CA ALA B 208 16.00 2.49 16.82
C ALA B 208 17.31 1.72 16.76
N SER B 209 18.08 1.93 15.70
CA SER B 209 19.42 1.36 15.59
C SER B 209 20.42 2.42 15.11
N ALA B 210 21.68 2.21 15.47
CA ALA B 210 22.81 3.03 15.03
C ALA B 210 23.71 2.03 14.34
N ILE B 211 24.02 2.29 13.07
CA ILE B 211 24.69 1.32 12.22
C ILE B 211 25.89 1.98 11.51
N ALA B 212 27.06 1.33 11.62
CA ALA B 212 28.25 1.72 10.89
C ALA B 212 28.54 0.64 9.86
N GLY B 213 28.45 1.00 8.59
CA GLY B 213 28.63 0.06 7.49
C GLY B 213 27.65 -1.09 7.60
N THR B 214 28.19 -2.30 7.68
CA THR B 214 27.39 -3.52 7.84
C THR B 214 27.17 -3.94 9.30
N ARG B 215 27.67 -3.13 10.24
CA ARG B 215 27.71 -3.49 11.63
C ARG B 215 26.88 -2.53 12.51
N PRO B 216 25.84 -3.05 13.19
CA PRO B 216 25.16 -2.17 14.14
C PRO B 216 26.04 -1.87 15.34
N LEU B 217 26.00 -0.64 15.82
CA LEU B 217 26.75 -0.26 17.02
C LEU B 217 25.89 -0.23 18.28
N ASP B 218 24.60 0.00 18.12
CA ASP B 218 23.65 -0.06 19.25
C ASP B 218 22.24 -0.17 18.69
N THR B 219 21.32 -0.58 19.56
CA THR B 219 19.92 -0.65 19.20
C THR B 219 19.09 -0.60 20.49
N SER B 220 17.83 -0.20 20.37
CA SER B 220 17.08 0.27 21.54
C SER B 220 16.38 -0.83 22.35
N MET B 221 15.93 -1.89 21.67
CA MET B 221 15.42 -3.05 22.38
C MET B 221 16.60 -3.83 22.96
N GLY B 222 16.31 -4.68 23.94
CA GLY B 222 17.36 -5.21 24.82
C GLY B 222 17.36 -6.71 24.94
N LEU B 223 17.32 -7.20 26.19
CA LEU B 223 17.18 -8.63 26.47
C LEU B 223 15.95 -9.17 25.77
N THR B 224 14.88 -8.38 25.85
CA THR B 224 13.59 -8.64 25.24
C THR B 224 13.14 -7.41 24.43
N PRO B 225 12.02 -7.52 23.70
CA PRO B 225 11.51 -6.36 22.95
C PRO B 225 10.87 -5.24 23.78
N LEU B 226 10.96 -5.28 25.11
CA LEU B 226 10.35 -4.27 25.97
C LEU B 226 11.17 -2.98 26.07
N GLU B 227 12.49 -3.06 25.98
CA GLU B 227 13.33 -1.91 26.26
C GLU B 227 13.27 -0.89 25.12
N GLY B 228 13.53 0.37 25.48
CA GLY B 228 13.79 1.42 24.51
C GLY B 228 12.65 2.42 24.32
N LEU B 229 12.18 2.51 23.07
CA LEU B 229 11.16 3.47 22.71
C LEU B 229 9.81 3.13 23.32
N VAL B 230 8.97 4.15 23.43
CA VAL B 230 7.58 3.96 23.78
C VAL B 230 6.92 3.27 22.59
N MET B 231 6.00 2.36 22.86
CA MET B 231 5.36 1.59 21.78
C MET B 231 3.84 1.56 21.98
N GLY B 232 3.13 0.83 21.12
CA GLY B 232 1.68 0.78 21.22
C GLY B 232 1.19 0.32 22.59
N THR B 233 1.78 -0.75 23.11
CA THR B 233 1.39 -1.33 24.42
C THR B 233 2.57 -1.57 25.37
N ARG B 234 3.80 -1.30 24.91
CA ARG B 234 5.01 -1.52 25.70
C ARG B 234 5.57 -0.20 26.24
N SER B 235 6.04 -0.24 27.48
CA SER B 235 6.54 0.98 28.16
C SER B 235 7.84 1.52 27.60
N GLY B 236 8.65 0.65 27.01
CA GLY B 236 10.04 0.98 26.75
C GLY B 236 10.76 1.23 28.07
N ASP B 237 11.80 2.04 28.02
CA ASP B 237 12.64 2.37 29.16
C ASP B 237 11.86 2.79 30.40
N ILE B 238 12.16 2.13 31.50
CA ILE B 238 11.70 2.53 32.81
C ILE B 238 12.68 2.00 33.86
N ASP B 239 12.83 2.73 34.95
CA ASP B 239 13.58 2.24 36.13
C ASP B 239 13.12 0.81 36.46
N PRO B 240 14.05 -0.17 36.48
CA PRO B 240 13.68 -1.54 36.82
C PRO B 240 13.12 -1.68 38.22
N SER B 241 13.37 -0.68 39.08
CA SER B 241 12.76 -0.61 40.42
C SER B 241 11.24 -0.59 40.41
N ILE B 242 10.63 -0.25 39.27
CA ILE B 242 9.18 -0.34 39.10
C ILE B 242 8.62 -1.70 39.56
N VAL B 243 9.37 -2.78 39.32
CA VAL B 243 8.91 -4.12 39.66
C VAL B 243 8.86 -4.32 41.18
N SER B 244 9.96 -4.07 41.86
CA SER B 244 9.99 -4.23 43.32
C SER B 244 9.07 -3.23 44.03
N TYR B 245 8.98 -2.01 43.50
CA TYR B 245 8.06 -1.00 44.03
C TYR B 245 6.59 -1.45 43.96
N LEU B 246 6.16 -1.90 42.78
CA LEU B 246 4.79 -2.40 42.60
C LEU B 246 4.52 -3.68 43.40
N CYS B 247 5.52 -4.55 43.50
CA CYS B 247 5.41 -5.75 44.32
C CYS B 247 5.25 -5.38 45.79
N HIS B 248 6.07 -4.44 46.28
CA HIS B 248 5.99 -4.01 47.68
C HIS B 248 4.72 -3.22 48.02
N THR B 249 4.39 -2.21 47.23
CA THR B 249 3.31 -1.27 47.58
C THR B 249 1.94 -1.67 47.05
N ALA B 250 1.87 -2.07 45.79
CA ALA B 250 0.60 -2.49 45.18
C ALA B 250 0.28 -3.96 45.41
N GLY B 251 1.24 -4.73 45.94
CA GLY B 251 1.04 -6.17 46.16
C GLY B 251 0.96 -7.00 44.88
N MET B 252 1.52 -6.47 43.78
CA MET B 252 1.47 -7.17 42.50
C MET B 252 2.57 -8.25 42.44
N GLY B 253 2.29 -9.31 41.69
CA GLY B 253 3.29 -10.33 41.41
C GLY B 253 4.19 -9.90 40.27
N VAL B 254 5.41 -10.43 40.22
CA VAL B 254 6.39 -10.06 39.19
C VAL B 254 5.84 -10.25 37.77
N ASP B 255 5.11 -11.34 37.53
CA ASP B 255 4.58 -11.61 36.19
C ASP B 255 3.46 -10.65 35.82
N ASP B 256 2.68 -10.25 36.82
CA ASP B 256 1.64 -9.25 36.62
C ASP B 256 2.25 -7.91 36.20
N VAL B 257 3.35 -7.53 36.84
CA VAL B 257 4.04 -6.27 36.51
C VAL B 257 4.59 -6.36 35.09
N GLU B 258 5.27 -7.46 34.78
CA GLU B 258 5.83 -7.67 33.44
C GLU B 258 4.76 -7.64 32.35
N SER B 259 3.60 -8.24 32.65
CA SER B 259 2.48 -8.23 31.72
C SER B 259 1.93 -6.81 31.53
N MET B 260 1.85 -6.06 32.63
CA MET B 260 1.37 -4.67 32.59
C MET B 260 2.29 -3.82 31.67
N LEU B 261 3.59 -4.01 31.85
CA LEU B 261 4.60 -3.28 31.05
C LEU B 261 4.56 -3.65 29.57
N ASN B 262 4.25 -4.90 29.27
CA ASN B 262 4.19 -5.37 27.88
C ASN B 262 2.86 -5.15 27.17
N HIS B 263 1.76 -5.12 27.91
CA HIS B 263 0.41 -5.13 27.31
C HIS B 263 -0.53 -3.99 27.71
N ARG B 264 -0.26 -3.32 28.84
CA ARG B 264 -1.12 -2.24 29.32
CA ARG B 264 -1.12 -2.24 29.33
C ARG B 264 -0.32 -0.97 29.57
N SER B 265 0.74 -0.79 28.79
CA SER B 265 1.63 0.36 28.91
C SER B 265 1.75 1.06 27.57
N GLY B 266 2.79 1.87 27.39
CA GLY B 266 2.99 2.60 26.15
C GLY B 266 1.85 3.55 25.86
N VAL B 267 1.51 3.71 24.58
CA VAL B 267 0.43 4.62 24.19
C VAL B 267 -0.92 4.21 24.82
N VAL B 268 -1.23 2.92 24.85
CA VAL B 268 -2.53 2.49 25.38
C VAL B 268 -2.62 2.70 26.89
N GLY B 269 -1.51 2.47 27.59
CA GLY B 269 -1.46 2.71 29.04
C GLY B 269 -1.69 4.16 29.42
N LEU B 270 -1.14 5.07 28.62
CA LEU B 270 -1.26 6.50 28.90
C LEU B 270 -2.57 7.12 28.43
N SER B 271 -3.17 6.58 27.36
CA SER B 271 -4.31 7.25 26.71
C SER B 271 -5.55 6.38 26.44
N GLY B 272 -5.41 5.06 26.54
CA GLY B 272 -6.49 4.14 26.19
C GLY B 272 -6.59 3.87 24.70
N VAL B 273 -5.75 4.53 23.90
CA VAL B 273 -5.85 4.43 22.44
C VAL B 273 -5.01 3.27 21.93
N ARG B 274 -5.65 2.41 21.14
CA ARG B 274 -5.02 1.21 20.59
C ARG B 274 -4.56 1.40 19.14
N ASP B 275 -5.12 2.39 18.46
CA ASP B 275 -4.74 2.74 17.08
C ASP B 275 -4.03 4.08 17.05
N PHE B 276 -2.73 4.07 16.77
CA PHE B 276 -1.92 5.28 16.78
C PHE B 276 -2.50 6.39 15.90
N ARG B 277 -3.12 6.03 14.78
CA ARG B 277 -3.70 7.03 13.89
C ARG B 277 -4.86 7.81 14.50
N ARG B 278 -5.48 7.30 15.57
CA ARG B 278 -6.57 8.01 16.25
C ARG B 278 -6.08 9.10 17.20
N LEU B 279 -4.79 9.09 17.51
CA LEU B 279 -4.22 10.03 18.49
C LEU B 279 -4.42 11.49 18.06
N ARG B 280 -4.18 11.75 16.78
CA ARG B 280 -4.24 13.09 16.24
C ARG B 280 -5.60 13.76 16.46
N GLU B 281 -6.68 13.07 16.07
CA GLU B 281 -8.03 13.62 16.18
C GLU B 281 -8.41 13.85 17.65
N LEU B 282 -8.02 12.92 18.53
CA LEU B 282 -8.26 13.06 19.96
C LEU B 282 -7.52 14.29 20.54
N ILE B 283 -6.27 14.48 20.09
CA ILE B 283 -5.49 15.65 20.47
C ILE B 283 -6.17 16.93 20.01
N GLU B 284 -6.49 17.00 18.72
CA GLU B 284 -7.23 18.14 18.17
C GLU B 284 -8.54 18.44 18.90
N SER B 285 -9.17 17.42 19.48
CA SER B 285 -10.42 17.62 20.24
C SER B 285 -10.19 18.03 21.70
N GLY B 286 -8.93 18.05 22.13
CA GLY B 286 -8.56 18.53 23.46
C GLY B 286 -8.35 17.44 24.49
N ASP B 287 -8.16 16.20 24.05
CA ASP B 287 -7.91 15.10 24.97
C ASP B 287 -6.50 15.18 25.55
N GLY B 288 -6.41 15.53 26.84
CA GLY B 288 -5.13 15.70 27.53
C GLY B 288 -4.32 14.42 27.62
N ALA B 289 -5.00 13.28 27.80
CA ALA B 289 -4.32 11.99 27.89
C ALA B 289 -3.67 11.62 26.56
N ALA B 290 -4.40 11.81 25.46
CA ALA B 290 -3.83 11.56 24.13
C ALA B 290 -2.64 12.48 23.85
N GLN B 291 -2.73 13.76 24.25
CA GLN B 291 -1.60 14.67 24.05
C GLN B 291 -0.38 14.21 24.83
N LEU B 292 -0.61 13.79 26.08
CA LEU B 292 0.47 13.31 26.96
C LEU B 292 1.14 12.07 26.41
N ALA B 293 0.34 11.11 25.93
CA ALA B 293 0.86 9.89 25.32
C ALA B 293 1.76 10.22 24.14
N TYR B 294 1.31 11.11 23.28
CA TYR B 294 2.09 11.48 22.10
C TYR B 294 3.37 12.23 22.49
N SER B 295 3.28 13.12 23.48
CA SER B 295 4.45 13.87 23.96
CA SER B 295 4.46 13.86 23.94
C SER B 295 5.51 12.93 24.55
N VAL B 296 5.08 11.96 25.35
CA VAL B 296 5.99 10.99 25.96
C VAL B 296 6.67 10.14 24.87
N PHE B 297 5.89 9.71 23.90
CA PHE B 297 6.40 8.98 22.75
C PHE B 297 7.46 9.78 22.01
N THR B 298 7.14 11.04 21.70
CA THR B 298 8.01 11.91 20.92
C THR B 298 9.32 12.21 21.68
N HIS B 299 9.19 12.52 22.96
CA HIS B 299 10.36 12.85 23.81
C HIS B 299 11.37 11.70 23.86
N ARG B 300 10.90 10.48 24.05
CA ARG B 300 11.76 9.29 24.09
C ARG B 300 12.45 9.09 22.74
N LEU B 301 11.71 9.27 21.65
CA LEU B 301 12.26 9.11 20.29
C LEU B 301 13.37 10.14 20.03
N ARG B 302 13.12 11.39 20.39
CA ARG B 302 14.13 12.44 20.29
C ARG B 302 15.42 12.08 21.03
N LYS B 303 15.31 11.56 22.24
CA LYS B 303 16.49 11.12 23.00
C LYS B 303 17.30 10.03 22.31
N TYR B 304 16.62 9.04 21.73
CA TYR B 304 17.33 7.97 21.04
C TYR B 304 18.03 8.48 19.79
N ILE B 305 17.43 9.42 19.08
CA ILE B 305 18.11 10.03 17.91
C ILE B 305 19.40 10.75 18.35
N GLY B 306 19.26 11.63 19.33
CA GLY B 306 20.41 12.32 19.93
C GLY B 306 21.49 11.37 20.43
N ALA B 307 21.07 10.34 21.17
CA ALA B 307 22.01 9.36 21.71
C ALA B 307 22.80 8.69 20.62
N TYR B 308 22.12 8.32 19.53
CA TYR B 308 22.80 7.61 18.47
C TYR B 308 23.63 8.51 17.57
N LEU B 309 23.27 9.79 17.45
CA LEU B 309 24.19 10.77 16.85
C LEU B 309 25.52 10.77 17.59
N ALA B 310 25.45 10.74 18.93
CA ALA B 310 26.66 10.70 19.75
C ALA B 310 27.45 9.39 19.58
N VAL B 311 26.76 8.26 19.56
CA VAL B 311 27.41 6.96 19.36
C VAL B 311 28.18 6.96 18.02
N LEU B 312 27.55 7.45 16.97
CA LEU B 312 28.14 7.40 15.63
C LEU B 312 29.22 8.47 15.41
N GLY B 313 29.08 9.61 16.07
CA GLY B 313 29.98 10.76 15.91
C GLY B 313 29.74 11.52 14.62
N HIS B 314 29.80 10.80 13.50
CA HIS B 314 29.37 11.30 12.20
C HIS B 314 28.22 10.44 11.71
N THR B 315 27.12 11.08 11.30
CA THR B 315 25.91 10.40 10.80
C THR B 315 25.59 10.92 9.41
N ASP B 316 25.52 10.02 8.44
CA ASP B 316 25.22 10.40 7.06
C ASP B 316 23.72 10.53 6.83
N VAL B 317 22.95 9.61 7.41
CA VAL B 317 21.53 9.52 7.12
C VAL B 317 20.73 8.93 8.27
N ILE B 318 19.51 9.43 8.40
CA ILE B 318 18.50 8.94 9.32
C ILE B 318 17.30 8.53 8.49
N SER B 319 16.82 7.30 8.69
CA SER B 319 15.66 6.77 7.94
C SER B 319 14.51 6.33 8.85
N PHE B 320 13.31 6.73 8.47
CA PHE B 320 12.10 6.32 9.15
C PHE B 320 11.46 5.19 8.36
N THR B 321 10.94 4.19 9.07
CA THR B 321 10.33 3.04 8.43
C THR B 321 9.23 2.43 9.29
N ALA B 322 8.56 1.43 8.71
CA ALA B 322 7.43 0.69 9.29
C ALA B 322 6.12 1.51 9.25
N GLY B 323 5.04 0.94 9.77
CA GLY B 323 3.68 1.50 9.59
C GLY B 323 3.50 2.95 9.96
N ILE B 324 4.09 3.35 11.08
CA ILE B 324 4.04 4.75 11.52
C ILE B 324 5.14 5.58 10.87
N GLY B 325 6.38 5.07 10.89
CA GLY B 325 7.51 5.83 10.34
C GLY B 325 7.34 6.19 8.88
N GLU B 326 6.76 5.29 8.11
CA GLU B 326 6.58 5.51 6.67
C GLU B 326 5.46 6.49 6.36
N ASN B 327 4.55 6.71 7.31
CA ASN B 327 3.26 7.36 6.98
C ASN B 327 2.87 8.60 7.79
N ASP B 328 3.45 8.79 8.96
CA ASP B 328 3.00 9.85 9.85
C ASP B 328 3.99 11.00 9.84
N ALA B 329 3.65 12.04 9.07
CA ALA B 329 4.48 13.24 8.93
C ALA B 329 4.68 13.96 10.25
N ALA B 330 3.65 14.00 11.10
CA ALA B 330 3.79 14.71 12.40
C ALA B 330 4.82 14.02 13.29
N VAL B 331 4.78 12.70 13.34
CA VAL B 331 5.76 11.94 14.12
C VAL B 331 7.17 12.30 13.67
N ARG B 332 7.38 12.30 12.37
CA ARG B 332 8.72 12.55 11.84
C ARG B 332 9.15 13.98 12.12
N ARG B 333 8.24 14.93 11.91
CA ARG B 333 8.53 16.35 12.20
C ARG B 333 8.92 16.55 13.66
N ASP B 334 8.10 16.02 14.56
CA ASP B 334 8.30 16.23 15.98
C ASP B 334 9.52 15.45 16.52
N ALA B 335 9.92 14.39 15.82
CA ALA B 335 11.10 13.62 16.20
C ALA B 335 12.41 14.36 15.97
N VAL B 336 12.48 15.22 14.96
CA VAL B 336 13.75 15.90 14.65
C VAL B 336 13.69 17.43 14.64
N SER B 337 12.55 18.03 15.00
CA SER B 337 12.43 19.50 15.00
C SER B 337 13.40 20.08 16.00
N GLY B 338 13.89 21.29 15.72
CA GLY B 338 14.76 21.97 16.68
C GLY B 338 16.15 21.36 16.78
N MET B 339 16.54 20.55 15.79
CA MET B 339 17.85 19.91 15.80
C MET B 339 18.76 20.40 14.66
N GLU B 340 18.49 21.59 14.14
CA GLU B 340 19.33 22.11 13.06
C GLU B 340 20.78 22.28 13.50
N GLU B 341 21.01 22.59 14.77
CA GLU B 341 22.38 22.75 15.26
C GLU B 341 23.08 21.41 15.43
N LEU B 342 22.33 20.31 15.40
CA LEU B 342 22.91 18.97 15.38
C LEU B 342 23.00 18.40 13.96
N GLY B 343 22.65 19.19 12.96
CA GLY B 343 22.83 18.82 11.56
C GLY B 343 21.61 18.26 10.85
N ILE B 344 20.43 18.39 11.46
CA ILE B 344 19.18 17.88 10.89
C ILE B 344 18.19 19.02 10.54
N VAL B 345 17.89 19.14 9.25
CA VAL B 345 16.98 20.13 8.71
C VAL B 345 15.96 19.43 7.82
N LEU B 346 14.73 19.34 8.31
CA LEU B 346 13.66 18.75 7.52
C LEU B 346 13.07 19.76 6.53
N ASP B 347 12.57 19.25 5.42
CA ASP B 347 11.82 20.04 4.44
C ASP B 347 10.36 19.64 4.58
N GLU B 348 9.56 20.51 5.16
CA GLU B 348 8.19 20.13 5.53
C GLU B 348 7.33 19.86 4.28
N ARG B 349 7.63 20.53 3.16
CA ARG B 349 6.94 20.22 1.90
C ARG B 349 7.16 18.76 1.50
N ARG B 350 8.41 18.31 1.53
CA ARG B 350 8.72 16.91 1.24
C ARG B 350 8.14 15.96 2.30
N ASN B 351 8.24 16.35 3.57
CA ASN B 351 7.72 15.52 4.65
C ASN B 351 6.22 15.27 4.49
N LEU B 352 5.51 16.30 4.03
CA LEU B 352 4.07 16.23 3.86
C LEU B 352 3.57 15.64 2.54
N ALA B 353 4.45 15.45 1.58
CA ALA B 353 4.03 15.14 0.21
C ALA B 353 3.50 13.71 0.02
N GLY B 354 3.87 12.81 0.94
CA GLY B 354 3.56 11.39 0.80
C GLY B 354 4.30 10.75 -0.37
N GLY B 355 3.87 9.55 -0.72
CA GLY B 355 4.46 8.78 -1.82
C GLY B 355 4.79 7.38 -1.37
N LYS B 356 4.90 6.46 -2.31
CA LYS B 356 5.43 5.13 -2.00
C LYS B 356 6.91 5.16 -2.29
N GLY B 357 7.62 4.15 -1.79
CA GLY B 357 9.04 4.03 -2.05
C GLY B 357 9.90 4.98 -1.25
N ALA B 358 11.21 4.76 -1.35
CA ALA B 358 12.17 5.53 -0.57
C ALA B 358 12.22 6.98 -1.10
N ARG B 359 12.29 7.94 -0.18
CA ARG B 359 12.36 9.34 -0.57
C ARG B 359 13.04 10.21 0.48
N GLN B 360 13.58 11.32 0.01
CA GLN B 360 14.24 12.29 0.89
C GLN B 360 13.20 13.21 1.50
N ILE B 361 13.26 13.41 2.82
CA ILE B 361 12.43 14.38 3.49
C ILE B 361 13.19 15.53 4.16
N SER B 362 14.52 15.45 4.15
CA SER B 362 15.38 16.55 4.61
C SER B 362 15.49 17.63 3.54
N ALA B 363 15.81 18.85 3.95
CA ALA B 363 16.19 19.91 3.02
C ALA B 363 17.47 19.53 2.26
N ASP B 364 17.62 20.03 1.04
CA ASP B 364 18.80 19.71 0.23
C ASP B 364 20.11 20.07 0.92
N ASP B 365 20.12 21.14 1.70
CA ASP B 365 21.36 21.52 2.38
C ASP B 365 21.51 20.94 3.80
N SER B 366 20.62 20.05 4.22
CA SER B 366 20.75 19.43 5.54
C SER B 366 22.05 18.66 5.63
N PRO B 367 22.91 18.95 6.62
CA PRO B 367 24.14 18.15 6.79
C PRO B 367 23.91 16.64 6.87
N ILE B 368 22.90 16.25 7.63
CA ILE B 368 22.49 14.85 7.72
C ILE B 368 21.25 14.64 6.85
N THR B 369 21.29 13.63 5.99
CA THR B 369 20.13 13.30 5.17
C THR B 369 19.04 12.60 6.00
N VAL B 370 17.78 12.90 5.71
CA VAL B 370 16.68 12.21 6.37
C VAL B 370 15.78 11.62 5.28
N LEU B 371 15.50 10.34 5.42
CA LEU B 371 14.73 9.59 4.44
C LEU B 371 13.52 8.91 5.08
N VAL B 372 12.54 8.65 4.23
CA VAL B 372 11.57 7.60 4.49
C VAL B 372 12.00 6.44 3.60
N VAL B 373 12.15 5.26 4.20
CA VAL B 373 12.54 4.06 3.47
C VAL B 373 11.64 2.90 3.88
N PRO B 374 10.71 2.52 2.99
CA PRO B 374 9.84 1.40 3.35
C PRO B 374 10.61 0.10 3.62
N THR B 375 10.21 -0.61 4.67
CA THR B 375 10.80 -1.89 4.99
C THR B 375 10.01 -3.01 4.29
N ASN B 376 10.68 -4.13 4.10
CA ASN B 376 10.05 -5.32 3.48
C ASN B 376 10.77 -6.51 4.06
N GLU B 377 10.35 -6.89 5.27
CA GLU B 377 11.05 -7.95 6.00
C GLU B 377 10.94 -9.30 5.30
N GLU B 378 9.76 -9.56 4.72
CA GLU B 378 9.47 -10.83 4.06
C GLU B 378 10.35 -11.00 2.82
N LEU B 379 10.55 -9.93 2.07
CA LEU B 379 11.46 -9.98 0.93
C LEU B 379 12.89 -10.26 1.38
N ALA B 380 13.33 -9.58 2.44
CA ALA B 380 14.68 -9.79 2.98
C ALA B 380 14.88 -11.23 3.44
N ILE B 381 13.88 -11.78 4.13
CA ILE B 381 13.95 -13.16 4.62
C ILE B 381 13.99 -14.14 3.44
N ALA B 382 13.16 -13.91 2.42
CA ALA B 382 13.20 -14.74 1.22
C ALA B 382 14.59 -14.75 0.58
N ARG B 383 15.21 -13.58 0.47
CA ARG B 383 16.55 -13.51 -0.07
C ARG B 383 17.56 -14.25 0.81
N ASP B 384 17.45 -14.09 2.12
CA ASP B 384 18.31 -14.84 3.06
C ASP B 384 18.21 -16.37 2.85
N CYS B 385 17.00 -16.85 2.65
CA CYS B 385 16.75 -18.28 2.43
C CYS B 385 17.42 -18.77 1.16
N VAL B 386 17.23 -18.04 0.05
CA VAL B 386 17.90 -18.36 -1.20
C VAL B 386 19.42 -18.38 -1.03
N ARG B 387 19.97 -17.34 -0.41
CA ARG B 387 21.43 -17.24 -0.21
C ARG B 387 22.02 -18.43 0.58
N VAL B 388 21.41 -18.79 1.70
CA VAL B 388 21.94 -19.85 2.55
C VAL B 388 21.83 -21.23 1.86
N LEU B 389 20.93 -21.35 0.89
CA LEU B 389 20.70 -22.61 0.18
C LEU B 389 21.55 -22.76 -1.10
N GLY B 390 22.36 -21.75 -1.44
CA GLY B 390 23.23 -21.86 -2.60
C GLY B 390 23.17 -20.70 -3.59
N GLY B 391 22.15 -19.84 -3.45
CA GLY B 391 22.02 -18.64 -4.28
C GLY B 391 20.97 -18.87 -5.33
#